data_2BOA
#
_entry.id   2BOA
#
_cell.length_a   136.800
_cell.length_b   87.200
_cell.length_c   89.700
_cell.angle_alpha   90.00
_cell.angle_beta   117.20
_cell.angle_gamma   90.00
#
_symmetry.space_group_name_H-M   'C 1 2 1'
#
loop_
_entity.id
_entity.type
_entity.pdbx_description
1 polymer 'CARBOXYPEPTIDASE A4'
2 branched 2-acetamido-2-deoxy-beta-D-glucopyranose-(1-4)-2-acetamido-2-deoxy-beta-D-glucopyranose
3 non-polymer 2-acetamido-2-deoxy-beta-D-glucopyranose
4 non-polymer 'ZINC ION'
5 non-polymer GLYCEROL
6 water water
#
_entity_poly.entity_id   1
_entity_poly.type   'polypeptide(L)'
_entity_poly.pdbx_seq_one_letter_code
;REKFFGDQVLRINVRNGDEISKLSQLVNSNNLKLNFWKSPSSFNRPVDVLVPSVSLQAFKSFLRSQGLEYAVTIEDLQAL
LDNEDDEMQHNEGQERSSNNFNYGAYHSLEAIYHEMDNIAADFPDLARRVKIGHSFENRPMYVLKFSTGKGVRRPAVWLN
AGIHSREWISQATAIWTARKIVSDYQRDPAITSILEKMDIFLLPVANPDGYVYTQTQNRLWRKTRSRNPGSSCIGADPNR
NWNASFAGKGASDNPCSEVYHGPHANSEVEVKSVVDFIQKHGNFKGFIDLHSYSQLLMYPYGYSVKKAPDAEELDKVARL
AAKALASVSGTEYQVGPTCTTVYPASGSSIDWAYDNGIKFAFTFELRDTGTYGFLLPANQIIPTAEETWLGLKTIMEHVR
DNLY
;
_entity_poly.pdbx_strand_id   A,B
#
# COMPACT_ATOMS: atom_id res chain seq x y z
N ARG A 1 7.65 -14.22 7.61
CA ARG A 1 8.22 -14.02 6.24
C ARG A 1 8.73 -15.35 5.64
N GLU A 2 8.60 -15.49 4.33
CA GLU A 2 9.02 -16.71 3.68
C GLU A 2 10.52 -16.92 3.77
N LYS A 3 10.87 -18.10 4.29
CA LYS A 3 12.24 -18.56 4.31
C LYS A 3 12.41 -19.68 3.29
N PHE A 4 13.60 -19.76 2.70
CA PHE A 4 13.88 -20.83 1.74
C PHE A 4 15.14 -21.64 2.11
N PHE A 5 15.21 -22.07 3.37
CA PHE A 5 16.36 -22.83 3.89
C PHE A 5 16.36 -24.24 3.29
N GLY A 6 17.46 -24.58 2.62
CA GLY A 6 17.60 -25.88 1.98
C GLY A 6 16.94 -26.00 0.61
N ASP A 7 16.19 -24.98 0.21
CA ASP A 7 15.55 -24.93 -1.09
C ASP A 7 16.59 -24.91 -2.18
N GLN A 8 16.34 -25.70 -3.23
CA GLN A 8 17.24 -25.78 -4.37
C GLN A 8 16.52 -25.52 -5.66
N VAL A 9 17.21 -24.79 -6.56
CA VAL A 9 16.77 -24.66 -7.93
C VAL A 9 17.41 -25.81 -8.70
N LEU A 10 16.58 -26.60 -9.36
CA LEU A 10 17.06 -27.71 -10.17
C LEU A 10 16.81 -27.44 -11.64
N ARG A 11 17.80 -27.75 -12.48
CA ARG A 11 17.69 -27.56 -13.91
C ARG A 11 17.53 -28.91 -14.59
N ILE A 12 16.45 -29.04 -15.35
CA ILE A 12 16.06 -30.34 -15.88
C ILE A 12 16.02 -30.31 -17.40
N ASN A 13 16.70 -31.27 -17.99
CA ASN A 13 16.64 -31.51 -19.43
C ASN A 13 15.38 -32.26 -19.81
N VAL A 14 14.74 -31.79 -20.88
CA VAL A 14 13.48 -32.35 -21.34
C VAL A 14 13.48 -32.46 -22.86
N ARG A 15 13.01 -33.59 -23.39
CA ARG A 15 13.11 -33.89 -24.82
C ARG A 15 11.78 -33.97 -25.56
N ASN A 16 10.75 -34.50 -24.90
CA ASN A 16 9.44 -34.70 -25.54
C ASN A 16 8.25 -34.55 -24.58
N GLY A 17 7.05 -34.77 -25.11
CA GLY A 17 5.81 -34.66 -24.37
C GLY A 17 5.63 -35.65 -23.22
N ASP A 18 6.33 -36.79 -23.28
CA ASP A 18 6.36 -37.74 -22.16
C ASP A 18 6.98 -37.07 -20.93
N GLU A 19 8.21 -36.58 -21.09
CA GLU A 19 8.95 -35.91 -20.03
C GLU A 19 8.33 -34.55 -19.67
N ILE A 20 7.89 -33.79 -20.67
CA ILE A 20 7.27 -32.48 -20.46
C ILE A 20 5.97 -32.55 -19.64
N SER A 21 5.07 -33.47 -20.01
CA SER A 21 3.76 -33.58 -19.39
C SER A 21 3.81 -34.09 -17.96
N LYS A 22 4.60 -35.14 -17.72
CA LYS A 22 4.74 -35.68 -16.37
C LYS A 22 5.36 -34.68 -15.40
N LEU A 23 6.31 -33.89 -15.90
CA LEU A 23 6.90 -32.81 -15.13
C LEU A 23 5.91 -31.64 -14.98
N SER A 24 5.21 -31.33 -16.07
CA SER A 24 4.13 -30.34 -16.04
C SER A 24 3.07 -30.75 -15.02
N GLN A 25 2.67 -32.02 -15.07
CA GLN A 25 1.65 -32.55 -14.18
C GLN A 25 2.07 -32.48 -12.72
N LEU A 26 3.26 -33.00 -12.43
CA LEU A 26 3.71 -33.27 -11.06
C LEU A 26 3.53 -32.11 -10.07
N VAL A 27 3.69 -30.88 -10.53
CA VAL A 27 3.45 -29.73 -9.67
C VAL A 27 2.70 -28.55 -10.31
N ASN A 28 1.84 -28.88 -11.27
CA ASN A 28 0.71 -28.01 -11.54
C ASN A 28 -0.41 -28.44 -10.59
N SER A 29 -0.36 -29.71 -10.16
CA SER A 29 -1.07 -30.19 -8.98
C SER A 29 -0.06 -30.32 -7.85
N ASN A 30 -0.22 -29.48 -6.83
CA ASN A 30 0.87 -29.13 -5.93
C ASN A 30 1.36 -30.17 -4.91
N ASN A 31 1.52 -31.43 -5.33
CA ASN A 31 2.39 -32.34 -4.61
C ASN A 31 3.79 -31.73 -4.67
N LEU A 32 4.43 -31.58 -3.50
CA LEU A 32 5.84 -31.14 -3.40
C LEU A 32 6.10 -29.63 -3.37
N LYS A 33 5.10 -28.84 -3.77
CA LYS A 33 5.10 -27.37 -3.65
C LYS A 33 6.20 -26.72 -4.48
N LEU A 34 6.42 -27.25 -5.68
CA LEU A 34 7.49 -26.77 -6.55
C LEU A 34 7.06 -25.52 -7.32
N ASN A 35 7.90 -24.49 -7.26
CA ASN A 35 7.71 -23.27 -8.04
C ASN A 35 8.62 -23.25 -9.28
N PHE A 36 8.02 -23.37 -10.46
CA PHE A 36 8.77 -23.28 -11.70
C PHE A 36 9.35 -21.89 -11.89
N TRP A 37 10.64 -21.84 -12.23
CA TRP A 37 11.37 -20.59 -12.40
C TRP A 37 11.53 -20.27 -13.89
N LYS A 38 11.88 -21.30 -14.66
CA LYS A 38 11.91 -21.22 -16.10
C LYS A 38 10.97 -22.26 -16.65
N SER A 39 9.97 -21.79 -17.39
CA SER A 39 8.85 -22.62 -17.80
C SER A 39 9.27 -23.62 -18.88
N PRO A 40 8.64 -24.81 -18.87
CA PRO A 40 8.82 -25.79 -19.95
C PRO A 40 8.51 -25.21 -21.33
N SER A 41 9.49 -25.27 -22.22
CA SER A 41 9.33 -24.82 -23.59
C SER A 41 8.96 -26.02 -24.46
N SER A 42 9.99 -26.65 -25.02
CA SER A 42 9.85 -27.86 -25.81
C SER A 42 11.20 -28.60 -25.84
N PHE A 43 11.39 -29.42 -26.86
CA PHE A 43 12.67 -30.07 -27.18
C PHE A 43 13.91 -29.31 -26.66
N ASN A 44 13.95 -28.01 -26.95
CA ASN A 44 15.12 -27.16 -26.73
C ASN A 44 15.53 -26.87 -25.28
N ARG A 45 14.96 -25.79 -24.72
CA ARG A 45 15.43 -25.17 -23.48
C ARG A 45 15.46 -26.06 -22.22
N PRO A 46 16.26 -25.67 -21.23
CA PRO A 46 16.23 -26.30 -19.91
C PRO A 46 15.17 -25.67 -18.98
N VAL A 47 14.52 -26.54 -18.20
CA VAL A 47 13.56 -26.14 -17.19
C VAL A 47 14.27 -25.86 -15.87
N ASP A 48 13.95 -24.73 -15.24
CA ASP A 48 14.41 -24.46 -13.89
C ASP A 48 13.21 -24.55 -12.99
N VAL A 49 13.39 -25.19 -11.83
CA VAL A 49 12.29 -25.29 -10.85
C VAL A 49 12.81 -25.28 -9.42
N LEU A 50 12.25 -24.35 -8.63
CA LEU A 50 12.49 -24.26 -7.18
C LEU A 50 11.86 -25.43 -6.44
N VAL A 51 12.68 -26.10 -5.63
CA VAL A 51 12.27 -27.31 -4.91
C VAL A 51 12.49 -27.08 -3.42
N PRO A 52 11.41 -27.07 -2.64
CA PRO A 52 11.51 -26.82 -1.20
C PRO A 52 12.33 -27.89 -0.53
N SER A 53 13.17 -27.51 0.44
CA SER A 53 14.03 -28.45 1.17
C SER A 53 13.30 -29.70 1.69
N VAL A 54 12.14 -29.47 2.30
CA VAL A 54 11.27 -30.55 2.78
C VAL A 54 10.96 -31.61 1.72
N SER A 55 11.06 -31.20 0.45
CA SER A 55 10.57 -31.99 -0.66
C SER A 55 11.69 -32.33 -1.66
N LEU A 56 12.94 -32.20 -1.22
CA LEU A 56 14.11 -32.45 -2.07
C LEU A 56 14.19 -33.92 -2.47
N GLN A 57 13.94 -34.77 -1.48
CA GLN A 57 14.10 -36.22 -1.59
C GLN A 57 13.12 -36.87 -2.57
N ALA A 58 11.82 -36.59 -2.41
CA ALA A 58 10.79 -37.16 -3.27
C ALA A 58 11.04 -36.78 -4.75
N PHE A 59 11.24 -35.49 -4.99
CA PHE A 59 11.41 -34.97 -6.35
C PHE A 59 12.64 -35.56 -7.07
N LYS A 60 13.75 -35.67 -6.36
CA LYS A 60 14.99 -36.19 -6.94
C LYS A 60 14.85 -37.68 -7.26
N SER A 61 14.31 -38.43 -6.29
CA SER A 61 13.98 -39.84 -6.47
C SER A 61 13.07 -40.06 -7.68
N PHE A 62 12.07 -39.19 -7.83
CA PHE A 62 11.13 -39.24 -8.95
C PHE A 62 11.79 -38.92 -10.29
N LEU A 63 12.70 -37.94 -10.28
CA LEU A 63 13.47 -37.58 -11.47
C LEU A 63 14.28 -38.78 -11.95
N ARG A 64 14.92 -39.46 -10.99
CA ARG A 64 15.70 -40.67 -11.28
C ARG A 64 14.83 -41.74 -11.92
N SER A 65 13.64 -41.95 -11.35
CA SER A 65 12.73 -43.01 -11.78
C SER A 65 12.02 -42.70 -13.10
N GLN A 66 12.05 -41.43 -13.52
CA GLN A 66 11.44 -41.03 -14.79
C GLN A 66 12.47 -40.71 -15.89
N GLY A 67 13.72 -41.09 -15.64
CA GLY A 67 14.82 -40.85 -16.56
C GLY A 67 15.03 -39.38 -16.87
N LEU A 68 14.85 -38.53 -15.86
CA LEU A 68 15.10 -37.10 -16.00
C LEU A 68 16.41 -36.73 -15.34
N GLU A 69 17.25 -36.03 -16.10
CA GLU A 69 18.55 -35.62 -15.60
C GLU A 69 18.51 -34.18 -15.14
N TYR A 70 19.17 -33.90 -14.02
CA TYR A 70 19.12 -32.60 -13.39
C TYR A 70 20.49 -32.20 -12.85
N ALA A 71 20.76 -30.90 -12.87
CA ALA A 71 21.83 -30.31 -12.06
C ALA A 71 21.17 -29.44 -10.97
N VAL A 72 21.85 -29.29 -9.83
CA VAL A 72 21.46 -28.35 -8.80
C VAL A 72 22.15 -27.02 -9.09
N THR A 73 21.40 -26.03 -9.56
CA THR A 73 22.02 -24.77 -9.98
C THR A 73 22.17 -23.77 -8.84
N ILE A 74 21.21 -23.78 -7.91
CA ILE A 74 21.36 -23.02 -6.66
C ILE A 74 21.18 -23.97 -5.49
N GLU A 75 22.25 -24.14 -4.73
CA GLU A 75 22.32 -25.11 -3.64
C GLU A 75 21.57 -24.65 -2.39
N ASP A 76 21.61 -23.36 -2.11
CA ASP A 76 20.78 -22.79 -1.05
C ASP A 76 20.25 -21.42 -1.43
N LEU A 77 18.96 -21.38 -1.71
CA LEU A 77 18.28 -20.14 -2.09
C LEU A 77 18.42 -19.11 -0.97
N GLN A 78 18.17 -19.54 0.27
CA GLN A 78 18.19 -18.64 1.43
C GLN A 78 19.53 -17.89 1.59
N ALA A 79 20.63 -18.56 1.24
CA ALA A 79 21.96 -17.91 1.24
C ALA A 79 21.99 -16.71 0.31
N LEU A 80 21.52 -16.90 -0.91
CA LEU A 80 21.41 -15.80 -1.86
C LEU A 80 20.50 -14.67 -1.37
N LEU A 81 19.37 -15.04 -0.76
CA LEU A 81 18.45 -14.08 -0.16
C LEU A 81 19.07 -13.29 0.99
N ASP A 82 19.84 -13.95 1.83
CA ASP A 82 20.57 -13.28 2.88
C ASP A 82 21.51 -12.21 2.30
N ASN A 83 22.32 -12.58 1.32
CA ASN A 83 23.27 -11.63 0.68
C ASN A 83 22.54 -10.34 0.25
N GLU A 84 21.41 -10.54 -0.43
CA GLU A 84 20.58 -9.47 -1.00
C GLU A 84 20.05 -8.51 0.08
N ASP A 85 19.50 -9.09 1.15
CA ASP A 85 19.06 -8.34 2.32
C ASP A 85 20.16 -7.43 2.90
N ASP A 86 21.32 -8.00 3.18
CA ASP A 86 22.44 -7.21 3.73
C ASP A 86 22.83 -6.09 2.78
N GLU A 87 23.02 -6.40 1.50
CA GLU A 87 23.35 -5.40 0.48
C GLU A 87 22.34 -4.25 0.45
N MET A 88 21.06 -4.60 0.53
CA MET A 88 19.94 -3.64 0.59
C MET A 88 19.96 -2.84 1.89
N GLN A 89 19.94 -3.56 3.01
CA GLN A 89 20.07 -3.01 4.35
C GLN A 89 21.18 -1.95 4.40
N HIS A 90 22.36 -2.31 3.92
CA HIS A 90 23.54 -1.45 3.99
C HIS A 90 23.29 -0.19 3.18
N ASN A 91 22.94 -0.37 1.90
CA ASN A 91 22.68 0.75 1.01
C ASN A 91 21.69 1.80 1.57
N GLU A 92 20.64 1.33 2.22
CA GLU A 92 19.65 2.23 2.81
C GLU A 92 20.24 3.07 3.94
N GLY A 93 21.23 2.53 4.64
CA GLY A 93 21.91 3.26 5.69
C GLY A 93 22.76 4.38 5.10
N GLN A 94 23.49 4.04 4.04
CA GLN A 94 24.31 5.01 3.34
C GLN A 94 23.44 6.14 2.77
N GLU A 95 22.40 5.76 2.03
CA GLU A 95 21.47 6.70 1.40
C GLU A 95 20.77 7.66 2.39
N ARG A 96 20.24 7.10 3.48
CA ARG A 96 19.68 7.88 4.60
C ARG A 96 20.67 8.91 5.17
N SER A 97 21.96 8.57 5.20
CA SER A 97 22.99 9.49 5.65
C SER A 97 23.52 10.36 4.50
N SER A 98 23.50 9.80 3.30
CA SER A 98 24.02 10.48 2.11
C SER A 98 23.08 11.54 1.56
N ASN A 99 21.77 11.25 1.58
CA ASN A 99 20.79 12.01 0.82
C ASN A 99 20.87 11.65 -0.66
N ASN A 100 21.75 10.70 -0.97
CA ASN A 100 21.98 10.23 -2.32
C ASN A 100 20.95 9.20 -2.67
N PHE A 101 20.81 8.93 -3.95
CA PHE A 101 20.17 7.70 -4.41
C PHE A 101 21.26 6.99 -5.19
N ASN A 102 21.65 5.86 -4.64
CA ASN A 102 22.59 4.95 -5.28
C ASN A 102 21.84 4.05 -6.29
N TYR A 103 22.01 4.33 -7.59
CA TYR A 103 21.41 3.52 -8.63
C TYR A 103 21.90 2.05 -8.73
N GLY A 104 23.04 1.74 -8.09
CA GLY A 104 23.62 0.41 -8.09
C GLY A 104 23.11 -0.47 -6.95
N ALA A 105 21.81 -0.35 -6.66
CA ALA A 105 21.18 -1.03 -5.53
C ALA A 105 19.73 -1.30 -5.86
N TYR A 106 19.11 -2.13 -5.04
CA TYR A 106 17.70 -2.46 -5.15
C TYR A 106 16.95 -1.59 -4.13
N HIS A 107 15.73 -1.16 -4.47
CA HIS A 107 14.99 -0.25 -3.58
C HIS A 107 13.57 -0.67 -3.28
N SER A 108 13.08 -0.24 -2.11
CA SER A 108 11.67 -0.18 -1.78
C SER A 108 10.94 0.66 -2.81
N LEU A 109 9.66 0.33 -2.96
CA LEU A 109 8.70 1.08 -3.75
C LEU A 109 8.65 2.59 -3.41
N GLU A 110 8.80 2.94 -2.12
CA GLU A 110 8.84 4.34 -1.66
C GLU A 110 10.05 5.08 -2.17
N ALA A 111 11.21 4.40 -2.23
CA ALA A 111 12.42 5.05 -2.74
C ALA A 111 12.34 5.22 -4.27
N ILE A 112 11.78 4.21 -4.95
CA ILE A 112 11.56 4.31 -6.40
C ILE A 112 10.61 5.48 -6.73
N TYR A 113 9.43 5.48 -6.11
CA TYR A 113 8.46 6.55 -6.32
C TYR A 113 9.06 7.93 -6.02
N HIS A 114 9.87 8.00 -4.95
CA HIS A 114 10.50 9.25 -4.53
C HIS A 114 11.54 9.75 -5.52
N GLU A 115 12.32 8.82 -6.05
CA GLU A 115 13.39 9.15 -6.97
C GLU A 115 12.80 9.60 -8.30
N MET A 116 11.65 9.03 -8.61
CA MET A 116 10.86 9.46 -9.78
C MET A 116 10.35 10.86 -9.59
N ASP A 117 9.90 11.18 -8.38
CA ASP A 117 9.46 12.53 -8.07
C ASP A 117 10.67 13.47 -8.14
N ASN A 118 11.84 13.00 -7.71
CA ASN A 118 13.08 13.82 -7.78
C ASN A 118 13.61 14.04 -9.20
N ILE A 119 13.48 13.03 -10.08
CA ILE A 119 13.91 13.18 -11.48
C ILE A 119 13.11 14.32 -12.16
N ALA A 120 11.82 14.39 -11.83
CA ALA A 120 10.89 15.40 -12.36
C ALA A 120 11.14 16.78 -11.75
N ALA A 121 11.44 16.81 -10.46
CA ALA A 121 11.74 18.06 -9.75
C ALA A 121 13.00 18.70 -10.30
N ASP A 122 14.00 17.88 -10.59
CA ASP A 122 15.31 18.33 -11.05
C ASP A 122 15.29 18.86 -12.49
N PHE A 123 14.44 18.23 -13.29
CA PHE A 123 14.27 18.57 -14.70
C PHE A 123 12.77 18.81 -14.99
N PRO A 124 12.26 19.96 -14.53
CA PRO A 124 10.82 20.23 -14.56
C PRO A 124 10.25 20.39 -15.98
N ASP A 125 11.12 20.78 -16.92
CA ASP A 125 10.73 20.98 -18.31
C ASP A 125 10.77 19.72 -19.20
N LEU A 126 11.09 18.57 -18.61
CA LEU A 126 11.34 17.37 -19.42
C LEU A 126 10.59 16.17 -18.89
N ALA A 127 10.49 16.11 -17.56
CA ALA A 127 9.97 14.97 -16.88
C ALA A 127 8.86 15.40 -15.94
N ARG A 128 7.79 14.62 -15.91
CA ARG A 128 6.81 14.70 -14.84
C ARG A 128 6.28 13.33 -14.48
N ARG A 129 5.98 13.15 -13.20
CA ARG A 129 5.41 11.89 -12.70
C ARG A 129 3.89 11.95 -12.82
N VAL A 130 3.35 11.09 -13.66
CA VAL A 130 1.94 11.13 -13.92
C VAL A 130 1.36 9.90 -13.21
N LYS A 131 0.28 10.08 -12.47
CA LYS A 131 -0.40 8.96 -11.84
C LYS A 131 -1.45 8.45 -12.82
N ILE A 132 -1.35 7.18 -13.19
CA ILE A 132 -2.19 6.62 -14.25
C ILE A 132 -3.34 5.75 -13.73
N GLY A 133 -3.27 5.40 -12.45
CA GLY A 133 -4.29 4.51 -11.89
C GLY A 133 -3.95 4.11 -10.47
N HIS A 134 -4.63 3.05 -10.02
CA HIS A 134 -4.36 2.50 -8.70
C HIS A 134 -4.13 1.02 -8.69
N SER A 135 -3.29 0.59 -7.77
CA SER A 135 -2.99 -0.82 -7.67
C SER A 135 -4.18 -1.48 -6.99
N PHE A 136 -4.18 -2.79 -6.87
CA PHE A 136 -5.31 -3.44 -6.22
C PHE A 136 -5.45 -2.98 -4.73
N GLU A 137 -4.30 -2.81 -4.07
CA GLU A 137 -4.28 -2.48 -2.65
C GLU A 137 -4.33 -0.98 -2.52
N ASN A 138 -4.54 -0.35 -3.69
CA ASN A 138 -4.91 1.04 -3.84
C ASN A 138 -3.71 1.98 -3.78
N ARG A 139 -2.51 1.53 -4.17
CA ARG A 139 -1.32 2.41 -4.24
C ARG A 139 -1.35 3.17 -5.57
N PRO A 140 -0.68 4.38 -5.74
CA PRO A 140 -0.63 4.97 -7.06
C PRO A 140 0.10 4.10 -8.02
N MET A 141 -0.29 4.16 -9.28
CA MET A 141 0.53 3.57 -10.33
C MET A 141 1.22 4.81 -10.96
N TYR A 142 2.54 4.96 -10.79
CA TYR A 142 3.30 6.13 -11.23
C TYR A 142 4.14 5.86 -12.43
N VAL A 143 4.03 6.75 -13.43
CA VAL A 143 4.76 6.67 -14.67
C VAL A 143 5.59 7.95 -14.70
N LEU A 144 6.74 7.96 -15.38
CA LEU A 144 7.39 9.21 -15.80
C LEU A 144 7.11 9.45 -17.30
N LYS A 145 6.72 10.69 -17.61
CA LYS A 145 6.50 11.12 -18.96
C LYS A 145 7.70 12.01 -19.35
N PHE A 146 8.32 11.70 -20.48
CA PHE A 146 9.44 12.49 -20.98
C PHE A 146 9.03 13.11 -22.32
N SER A 147 9.20 14.42 -22.45
CA SER A 147 8.62 15.18 -23.55
C SER A 147 9.20 16.58 -23.68
N THR A 148 9.40 16.99 -24.92
CA THR A 148 9.82 18.35 -25.23
C THR A 148 8.67 19.10 -25.88
N GLY A 149 7.51 18.45 -25.92
CA GLY A 149 6.31 18.96 -26.57
C GLY A 149 5.50 20.03 -25.85
N LYS A 150 5.87 20.31 -24.60
CA LYS A 150 5.28 21.38 -23.79
C LYS A 150 3.76 21.27 -23.53
N GLY A 151 3.25 20.05 -23.45
CA GLY A 151 1.84 19.81 -23.17
C GLY A 151 1.11 19.00 -24.23
N VAL A 152 1.49 19.25 -25.47
CA VAL A 152 0.93 18.59 -26.65
C VAL A 152 1.19 17.09 -26.63
N ARG A 153 0.23 16.31 -27.13
CA ARG A 153 0.38 14.86 -27.28
C ARG A 153 1.22 14.56 -28.53
N ARG A 154 2.28 13.79 -28.34
CA ARG A 154 3.18 13.36 -29.41
C ARG A 154 3.07 11.84 -29.61
N PRO A 155 3.51 11.33 -30.77
CA PRO A 155 3.74 9.90 -30.94
C PRO A 155 4.61 9.37 -29.78
N ALA A 156 4.31 8.17 -29.29
CA ALA A 156 4.83 7.75 -27.99
C ALA A 156 5.39 6.31 -27.88
N VAL A 157 6.39 6.15 -27.02
CA VAL A 157 6.92 4.83 -26.67
C VAL A 157 6.63 4.50 -25.20
N TRP A 158 6.01 3.35 -24.98
CA TRP A 158 5.74 2.87 -23.64
C TRP A 158 6.82 1.88 -23.16
N LEU A 159 7.32 2.13 -21.96
CA LEU A 159 8.38 1.33 -21.38
C LEU A 159 7.89 0.97 -19.99
N ASN A 160 7.48 -0.28 -19.77
CA ASN A 160 7.16 -0.71 -18.42
C ASN A 160 7.99 -1.90 -17.91
N ALA A 161 8.21 -1.91 -16.61
CA ALA A 161 8.99 -2.94 -15.97
C ALA A 161 8.22 -3.47 -14.79
N GLY A 162 8.52 -4.71 -14.38
CA GLY A 162 8.13 -5.19 -13.08
C GLY A 162 6.68 -5.61 -12.99
N ILE A 163 6.15 -6.10 -14.11
CA ILE A 163 4.82 -6.65 -14.13
C ILE A 163 4.80 -7.94 -13.29
N HIS A 164 5.92 -8.68 -13.32
CA HIS A 164 6.15 -9.78 -12.41
C HIS A 164 7.09 -9.32 -11.28
N SER A 165 6.55 -9.28 -10.08
CA SER A 165 7.21 -8.65 -8.93
C SER A 165 8.62 -9.13 -8.55
N ARG A 166 8.83 -10.44 -8.56
CA ARG A 166 10.15 -11.03 -8.23
C ARG A 166 11.32 -10.74 -9.21
N GLU A 167 10.98 -10.25 -10.39
CA GLU A 167 11.96 -9.96 -11.44
C GLU A 167 12.60 -8.60 -11.17
N TRP A 168 13.20 -8.46 -9.99
CA TRP A 168 13.74 -7.18 -9.50
C TRP A 168 14.68 -6.41 -10.40
N ILE A 169 15.35 -7.08 -11.32
CA ILE A 169 16.31 -6.37 -12.19
C ILE A 169 15.57 -5.41 -13.15
N SER A 170 14.30 -5.71 -13.44
CA SER A 170 13.50 -4.85 -14.34
C SER A 170 13.22 -3.47 -13.73
N GLN A 171 12.66 -3.45 -12.52
CA GLN A 171 12.36 -2.21 -11.81
C GLN A 171 13.62 -1.34 -11.72
N ALA A 172 14.73 -1.97 -11.31
CA ALA A 172 15.99 -1.28 -11.03
C ALA A 172 16.62 -0.77 -12.29
N THR A 173 16.48 -1.54 -13.36
CA THR A 173 16.87 -1.13 -14.71
C THR A 173 16.03 0.05 -15.17
N ALA A 174 14.72 -0.01 -14.89
CA ALA A 174 13.77 1.05 -15.27
C ALA A 174 14.04 2.40 -14.57
N ILE A 175 14.31 2.38 -13.28
CA ILE A 175 14.57 3.64 -12.58
C ILE A 175 15.96 4.22 -12.97
N TRP A 176 16.88 3.35 -13.40
CA TRP A 176 18.17 3.80 -13.92
C TRP A 176 17.98 4.44 -15.30
N THR A 177 17.11 3.84 -16.10
CA THR A 177 16.72 4.42 -17.39
C THR A 177 16.16 5.86 -17.27
N ALA A 178 15.26 6.08 -16.30
CA ALA A 178 14.65 7.38 -16.11
C ALA A 178 15.71 8.47 -15.88
N ARG A 179 16.71 8.13 -15.07
CA ARG A 179 17.80 9.04 -14.77
C ARG A 179 18.75 9.16 -15.96
N LYS A 180 18.77 8.15 -16.82
CA LYS A 180 19.63 8.16 -18.00
C LYS A 180 19.15 9.15 -19.05
N ILE A 181 17.84 9.13 -19.28
CA ILE A 181 17.17 10.03 -20.21
C ILE A 181 17.39 11.51 -19.88
N VAL A 182 17.13 11.88 -18.62
CA VAL A 182 17.18 13.30 -18.20
C VAL A 182 18.61 13.85 -18.14
N SER A 183 19.58 12.97 -17.91
CA SER A 183 21.00 13.35 -17.82
C SER A 183 21.68 13.41 -19.20
N ASP A 184 21.08 12.70 -20.15
CA ASP A 184 21.62 12.52 -21.50
C ASP A 184 20.79 13.28 -22.52
N TYR A 185 19.84 14.09 -22.05
CA TYR A 185 19.14 14.99 -22.95
C TYR A 185 19.99 16.23 -23.10
N GLN A 186 20.15 16.68 -24.35
CA GLN A 186 20.98 17.84 -24.71
C GLN A 186 22.47 17.51 -24.60
N ARG A 187 22.79 16.22 -24.67
CA ARG A 187 24.15 15.73 -24.50
C ARG A 187 24.43 14.56 -25.44
N ASP A 188 23.66 13.47 -25.27
CA ASP A 188 23.66 12.37 -26.24
C ASP A 188 22.72 12.73 -27.41
N PRO A 189 23.26 12.75 -28.63
CA PRO A 189 22.51 13.22 -29.80
C PRO A 189 21.33 12.34 -30.23
N ALA A 190 21.31 11.07 -29.81
CA ALA A 190 20.27 10.13 -30.20
C ALA A 190 19.02 10.20 -29.30
N ILE A 191 19.20 10.18 -27.98
CA ILE A 191 18.07 10.40 -27.07
C ILE A 191 17.54 11.86 -27.18
N THR A 192 18.45 12.82 -27.36
CA THR A 192 18.03 14.20 -27.61
C THR A 192 17.08 14.22 -28.82
N SER A 193 17.54 13.62 -29.92
CA SER A 193 16.77 13.50 -31.16
C SER A 193 15.50 12.65 -31.07
N ILE A 194 15.50 11.63 -30.22
CA ILE A 194 14.30 10.81 -29.98
C ILE A 194 13.23 11.66 -29.32
N LEU A 195 13.63 12.42 -28.30
CA LEU A 195 12.73 13.20 -27.48
C LEU A 195 12.20 14.44 -28.20
N GLU A 196 12.86 14.81 -29.29
CA GLU A 196 12.42 15.90 -30.13
C GLU A 196 11.18 15.50 -30.93
N LYS A 197 11.09 14.22 -31.27
CA LYS A 197 10.01 13.70 -32.10
C LYS A 197 8.94 12.93 -31.33
N MET A 198 9.32 12.36 -30.19
CA MET A 198 8.40 11.50 -29.44
C MET A 198 8.43 11.72 -27.95
N ASP A 199 7.37 11.25 -27.31
CA ASP A 199 7.27 11.12 -25.86
C ASP A 199 7.66 9.72 -25.42
N ILE A 200 8.35 9.64 -24.27
CA ILE A 200 8.61 8.36 -23.60
C ILE A 200 7.87 8.37 -22.27
N PHE A 201 7.10 7.30 -22.05
CA PHE A 201 6.40 7.01 -20.81
C PHE A 201 7.01 5.80 -20.16
N LEU A 202 7.51 5.98 -18.93
CA LEU A 202 8.20 4.91 -18.19
C LEU A 202 7.47 4.49 -16.92
N LEU A 203 7.16 3.20 -16.81
CA LEU A 203 6.50 2.69 -15.62
C LEU A 203 7.42 1.68 -14.96
N PRO A 204 8.20 2.14 -14.01
CA PRO A 204 9.21 1.30 -13.33
C PRO A 204 8.65 0.08 -12.63
N VAL A 205 7.50 0.22 -11.98
CA VAL A 205 6.93 -0.83 -11.19
C VAL A 205 5.50 -1.00 -11.67
N ALA A 206 5.30 -1.85 -12.68
CA ALA A 206 3.97 -2.09 -13.20
C ALA A 206 3.08 -2.93 -12.25
N ASN A 207 3.69 -3.57 -11.24
CA ASN A 207 2.94 -4.41 -10.25
C ASN A 207 3.35 -4.12 -8.81
N PRO A 208 2.91 -3.00 -8.24
CA PRO A 208 3.43 -2.46 -6.98
C PRO A 208 3.04 -3.22 -5.73
N ASP A 209 1.88 -3.89 -5.70
CA ASP A 209 1.53 -4.67 -4.52
C ASP A 209 2.39 -5.92 -4.40
N GLY A 210 2.63 -6.56 -5.55
CA GLY A 210 3.52 -7.71 -5.66
C GLY A 210 4.95 -7.36 -5.32
N TYR A 211 5.38 -6.16 -5.72
CA TYR A 211 6.73 -5.75 -5.40
C TYR A 211 6.94 -5.58 -3.89
N VAL A 212 6.05 -4.81 -3.26
CA VAL A 212 6.02 -4.72 -1.81
C VAL A 212 5.91 -6.11 -1.16
N TYR A 213 4.94 -6.92 -1.57
CA TYR A 213 4.88 -8.32 -1.06
C TYR A 213 6.25 -9.04 -1.20
N THR A 214 7.00 -8.84 -2.30
CA THR A 214 8.30 -9.52 -2.44
C THR A 214 9.35 -9.00 -1.47
N GLN A 215 9.26 -7.72 -1.11
CA GLN A 215 10.20 -7.14 -0.15
C GLN A 215 9.83 -7.35 1.32
N THR A 216 8.63 -7.89 1.62
CA THR A 216 8.14 -8.02 3.00
C THR A 216 7.62 -9.41 3.36
N GLN A 217 7.18 -10.19 2.38
CA GLN A 217 6.50 -11.42 2.74
C GLN A 217 7.02 -12.65 1.99
N ASN A 218 7.32 -12.49 0.71
CA ASN A 218 7.66 -13.62 -0.14
C ASN A 218 8.39 -13.13 -1.37
N ARG A 219 9.71 -13.32 -1.37
CA ARG A 219 10.59 -12.78 -2.40
C ARG A 219 10.30 -13.35 -3.79
N LEU A 220 9.65 -14.50 -3.84
CA LEU A 220 9.50 -15.25 -5.07
C LEU A 220 8.10 -15.10 -5.63
N TRP A 221 7.35 -14.20 -5.02
CA TRP A 221 5.98 -13.96 -5.44
C TRP A 221 6.02 -13.32 -6.83
N ARG A 222 5.11 -13.72 -7.73
CA ARG A 222 5.11 -13.09 -9.06
C ARG A 222 3.83 -12.40 -9.53
N LYS A 223 2.67 -12.82 -8.99
CA LYS A 223 1.37 -12.33 -9.43
C LYS A 223 1.00 -10.94 -8.87
N THR A 224 -0.22 -10.49 -9.14
CA THR A 224 -0.75 -9.26 -8.50
C THR A 224 -1.15 -9.71 -7.08
N ARG A 225 -1.77 -8.84 -6.28
CA ARG A 225 -2.37 -9.29 -5.02
C ARG A 225 -3.91 -9.25 -4.98
N SER A 226 -4.57 -9.45 -6.11
CA SER A 226 -6.03 -9.44 -6.16
C SER A 226 -6.65 -10.64 -5.47
N ARG A 227 -7.81 -10.41 -4.85
CA ARG A 227 -8.46 -11.38 -4.02
C ARG A 227 -9.54 -12.11 -4.81
N ASN A 228 -9.23 -13.33 -5.22
CA ASN A 228 -10.03 -14.01 -6.24
C ASN A 228 -11.36 -14.52 -5.64
N PRO A 229 -12.45 -13.88 -6.06
CA PRO A 229 -13.72 -13.87 -5.31
C PRO A 229 -14.43 -15.19 -5.03
N GLY A 230 -14.04 -16.30 -5.67
CA GLY A 230 -14.58 -17.61 -5.30
C GLY A 230 -13.51 -18.56 -4.77
N SER A 231 -12.41 -17.97 -4.28
CA SER A 231 -11.24 -18.72 -3.85
C SER A 231 -10.49 -18.05 -2.71
N SER A 232 -9.74 -18.85 -1.96
CA SER A 232 -8.85 -18.32 -0.92
C SER A 232 -7.47 -17.94 -1.49
N CYS A 233 -7.21 -18.30 -2.75
CA CYS A 233 -5.95 -17.98 -3.42
C CYS A 233 -5.86 -16.56 -3.98
N ILE A 234 -4.64 -16.01 -4.01
CA ILE A 234 -4.44 -14.61 -4.28
C ILE A 234 -3.75 -14.34 -5.63
N GLY A 235 -4.28 -13.40 -6.40
CA GLY A 235 -3.53 -12.79 -7.48
C GLY A 235 -3.70 -13.45 -8.82
N ALA A 236 -3.45 -12.69 -9.86
CA ALA A 236 -3.45 -13.24 -11.20
C ALA A 236 -2.09 -12.91 -11.85
N ASP A 237 -1.73 -13.66 -12.88
CA ASP A 237 -0.55 -13.36 -13.67
C ASP A 237 -0.86 -12.12 -14.49
N PRO A 238 -0.23 -10.98 -14.15
CA PRO A 238 -0.52 -9.71 -14.83
C PRO A 238 -0.33 -9.85 -16.33
N ASN A 239 0.69 -10.63 -16.71
CA ASN A 239 1.06 -10.88 -18.08
C ASN A 239 0.32 -12.04 -18.78
N ARG A 240 -0.79 -12.46 -18.18
CA ARG A 240 -1.68 -13.44 -18.80
C ARG A 240 -3.08 -12.84 -18.84
N ASN A 241 -3.19 -11.58 -18.43
CA ASN A 241 -4.47 -10.98 -18.11
C ASN A 241 -5.01 -10.08 -19.22
N TRP A 242 -4.13 -9.66 -20.12
CA TRP A 242 -4.42 -8.69 -21.19
C TRP A 242 -5.45 -9.20 -22.19
N ASN A 243 -6.17 -8.29 -22.83
CA ASN A 243 -7.18 -8.65 -23.82
C ASN A 243 -6.55 -9.06 -25.18
N ALA A 244 -5.89 -10.21 -25.20
CA ALA A 244 -5.21 -10.71 -26.40
C ALA A 244 -5.23 -12.22 -26.36
N SER A 245 -6.16 -12.83 -27.09
CA SER A 245 -6.45 -14.27 -26.99
C SER A 245 -6.45 -14.75 -25.54
N PHE A 246 -7.11 -13.94 -24.71
CA PHE A 246 -7.26 -14.19 -23.28
C PHE A 246 -7.84 -15.59 -23.03
N ALA A 247 -7.38 -16.21 -21.94
CA ALA A 247 -7.74 -17.60 -21.59
C ALA A 247 -7.42 -18.63 -22.69
N GLY A 248 -6.36 -18.36 -23.47
CA GLY A 248 -5.89 -19.28 -24.50
C GLY A 248 -4.87 -20.25 -23.95
N LYS A 249 -3.80 -20.50 -24.70
CA LYS A 249 -2.75 -21.41 -24.26
C LYS A 249 -1.78 -20.74 -23.28
N GLY A 250 -1.12 -21.55 -22.47
CA GLY A 250 -0.12 -21.06 -21.53
C GLY A 250 -0.66 -20.33 -20.31
N ALA A 251 -1.98 -20.30 -20.17
CA ALA A 251 -2.65 -19.74 -19.01
C ALA A 251 -3.53 -20.79 -18.30
N SER A 252 -3.80 -20.55 -17.02
CA SER A 252 -4.64 -21.46 -16.26
C SER A 252 -5.88 -20.70 -15.78
N ASP A 253 -7.00 -21.40 -15.64
CA ASP A 253 -8.15 -20.81 -14.97
C ASP A 253 -8.23 -21.17 -13.47
N ASN A 254 -7.13 -21.68 -12.93
CA ASN A 254 -7.00 -21.95 -11.49
C ASN A 254 -6.41 -20.74 -10.75
N PRO A 255 -7.19 -20.09 -9.87
CA PRO A 255 -6.67 -18.93 -9.14
C PRO A 255 -5.36 -19.21 -8.40
N CYS A 256 -5.12 -20.46 -7.98
CA CYS A 256 -3.91 -20.83 -7.22
C CYS A 256 -2.69 -20.94 -8.10
N SER A 257 -2.92 -21.02 -9.40
CA SER A 257 -1.85 -21.16 -10.37
C SER A 257 -1.07 -19.88 -10.59
N GLU A 258 0.21 -20.07 -10.84
CA GLU A 258 1.15 -18.99 -11.11
C GLU A 258 0.89 -18.31 -12.47
N VAL A 259 0.16 -19.01 -13.34
CA VAL A 259 -0.20 -18.48 -14.67
C VAL A 259 -1.70 -18.19 -14.81
N TYR A 260 -2.39 -18.00 -13.67
CA TYR A 260 -3.84 -17.71 -13.66
C TYR A 260 -4.12 -16.44 -14.44
N HIS A 261 -4.98 -16.56 -15.44
CA HIS A 261 -5.27 -15.45 -16.34
C HIS A 261 -6.18 -14.36 -15.71
N GLY A 262 -6.90 -14.70 -14.64
CA GLY A 262 -7.81 -13.78 -13.99
C GLY A 262 -9.21 -14.11 -14.45
N PRO A 263 -10.24 -13.57 -13.77
CA PRO A 263 -11.64 -13.91 -14.12
C PRO A 263 -12.08 -13.33 -15.47
N HIS A 264 -11.48 -12.25 -15.96
CA HIS A 264 -11.72 -11.75 -17.32
C HIS A 264 -10.54 -10.87 -17.78
N ALA A 265 -10.49 -10.57 -19.08
CA ALA A 265 -9.47 -9.72 -19.66
C ALA A 265 -9.40 -8.34 -19.02
N ASN A 266 -8.18 -7.87 -18.74
CA ASN A 266 -7.94 -6.58 -18.05
C ASN A 266 -8.63 -6.45 -16.67
N SER A 267 -8.91 -7.60 -16.06
CA SER A 267 -9.49 -7.66 -14.72
C SER A 267 -8.57 -7.06 -13.69
N GLU A 268 -7.26 -7.24 -13.88
CA GLU A 268 -6.26 -6.71 -12.98
C GLU A 268 -6.15 -5.21 -13.22
N VAL A 269 -6.45 -4.43 -12.17
CA VAL A 269 -6.61 -2.98 -12.28
C VAL A 269 -5.30 -2.29 -12.69
N GLU A 270 -4.18 -2.93 -12.36
CA GLU A 270 -2.86 -2.54 -12.86
C GLU A 270 -2.74 -2.63 -14.39
N VAL A 271 -3.33 -3.65 -14.99
CA VAL A 271 -3.35 -3.86 -16.44
C VAL A 271 -4.35 -2.89 -17.10
N LYS A 272 -5.56 -2.86 -16.54
CA LYS A 272 -6.59 -1.94 -16.99
C LYS A 272 -6.09 -0.50 -17.01
N SER A 273 -5.44 -0.08 -15.93
CA SER A 273 -4.81 1.24 -15.85
C SER A 273 -3.93 1.57 -17.05
N VAL A 274 -3.12 0.61 -17.48
CA VAL A 274 -2.21 0.82 -18.61
C VAL A 274 -2.99 0.71 -19.93
N VAL A 275 -3.89 -0.26 -20.02
CA VAL A 275 -4.72 -0.46 -21.21
C VAL A 275 -5.54 0.81 -21.48
N ASP A 276 -5.94 1.49 -20.39
CA ASP A 276 -6.79 2.66 -20.44
C ASP A 276 -5.97 3.86 -20.83
N PHE A 277 -4.79 3.99 -20.23
CA PHE A 277 -3.95 5.13 -20.56
C PHE A 277 -3.60 5.13 -22.05
N ILE A 278 -3.15 3.97 -22.53
CA ILE A 278 -2.64 3.85 -23.88
C ILE A 278 -3.72 4.15 -24.92
N GLN A 279 -4.90 3.55 -24.77
CA GLN A 279 -6.03 3.75 -25.69
C GLN A 279 -6.65 5.14 -25.61
N LYS A 280 -6.62 5.75 -24.43
CA LYS A 280 -6.99 7.15 -24.31
C LYS A 280 -6.03 8.05 -25.09
N HIS A 281 -4.73 7.84 -24.93
CA HIS A 281 -3.69 8.61 -25.64
C HIS A 281 -3.92 8.45 -27.15
N GLY A 282 -3.91 7.20 -27.62
CA GLY A 282 -4.28 6.84 -28.98
C GLY A 282 -3.14 6.84 -29.99
N ASN A 283 -1.96 7.30 -29.58
CA ASN A 283 -0.87 7.51 -30.51
C ASN A 283 0.47 6.90 -30.05
N PHE A 284 0.41 5.65 -29.55
CA PHE A 284 1.60 4.92 -29.15
C PHE A 284 2.21 4.15 -30.31
N LYS A 285 3.53 4.26 -30.44
CA LYS A 285 4.25 3.67 -31.56
C LYS A 285 5.07 2.49 -31.09
N GLY A 286 5.52 2.57 -29.84
CA GLY A 286 6.36 1.57 -29.23
C GLY A 286 5.85 1.17 -27.86
N PHE A 287 6.08 -0.12 -27.54
CA PHE A 287 5.70 -0.76 -26.29
C PHE A 287 6.75 -1.81 -25.97
N ILE A 288 7.48 -1.59 -24.89
CA ILE A 288 8.59 -2.44 -24.52
C ILE A 288 8.41 -2.92 -23.09
N ASP A 289 8.28 -4.24 -22.95
CA ASP A 289 8.12 -4.91 -21.68
C ASP A 289 9.44 -5.51 -21.16
N LEU A 290 9.81 -5.13 -19.93
CA LEU A 290 11.09 -5.57 -19.34
C LEU A 290 10.85 -6.60 -18.26
N HIS A 291 11.38 -7.81 -18.50
CA HIS A 291 11.27 -8.95 -17.61
C HIS A 291 12.67 -9.47 -17.17
N SER A 292 12.68 -10.60 -16.44
CA SER A 292 13.87 -11.38 -16.15
C SER A 292 13.33 -12.76 -15.83
N TYR A 293 14.13 -13.82 -15.96
CA TYR A 293 15.46 -13.79 -16.57
C TYR A 293 15.46 -14.71 -17.78
N SER A 294 16.51 -14.64 -18.58
CA SER A 294 16.83 -15.65 -19.60
C SER A 294 17.70 -15.08 -20.69
N GLN A 295 17.81 -13.75 -20.70
CA GLN A 295 18.56 -13.01 -21.71
C GLN A 295 17.96 -13.22 -23.09
N LEU A 296 16.69 -12.85 -23.20
CA LEU A 296 15.94 -12.93 -24.45
C LEU A 296 15.43 -11.57 -24.89
N LEU A 297 15.14 -11.46 -26.18
CA LEU A 297 14.55 -10.28 -26.78
C LEU A 297 13.55 -10.76 -27.82
N MET A 298 12.28 -10.62 -27.51
CA MET A 298 11.20 -11.24 -28.29
C MET A 298 10.14 -10.23 -28.77
N TYR A 299 9.38 -10.65 -29.79
CA TYR A 299 8.32 -9.86 -30.40
C TYR A 299 7.10 -10.77 -30.64
N PRO A 300 5.94 -10.22 -31.01
CA PRO A 300 4.74 -11.02 -31.29
C PRO A 300 4.95 -12.05 -32.42
N TYR A 301 4.22 -13.16 -32.42
CA TYR A 301 3.18 -13.43 -31.42
C TYR A 301 3.65 -14.36 -30.32
N GLY A 302 2.77 -14.60 -29.36
CA GLY A 302 3.02 -15.49 -28.24
C GLY A 302 1.87 -16.45 -28.00
N TYR A 303 0.65 -16.05 -28.35
CA TYR A 303 -0.52 -16.90 -28.12
C TYR A 303 -0.74 -17.89 -29.25
N SER A 304 -0.06 -17.67 -30.37
CA SER A 304 -0.16 -18.54 -31.55
C SER A 304 1.15 -18.55 -32.34
N VAL A 305 1.32 -19.58 -33.17
CA VAL A 305 2.37 -19.60 -34.19
C VAL A 305 1.84 -18.85 -35.42
N LYS A 306 0.89 -17.94 -35.18
CA LYS A 306 0.20 -17.17 -36.20
C LYS A 306 1.16 -16.41 -37.12
N LYS A 307 2.20 -15.83 -36.52
CA LYS A 307 3.23 -15.06 -37.22
C LYS A 307 2.76 -13.65 -37.59
N ALA A 308 3.35 -12.66 -36.93
CA ALA A 308 3.03 -11.24 -37.11
C ALA A 308 3.34 -10.78 -38.52
N PRO A 309 2.51 -9.88 -39.07
CA PRO A 309 2.77 -9.26 -40.38
C PRO A 309 4.13 -8.57 -40.47
N ASP A 310 4.58 -7.93 -39.40
CA ASP A 310 5.87 -7.22 -39.41
C ASP A 310 7.01 -8.01 -38.78
N ALA A 311 6.85 -9.33 -38.66
CA ALA A 311 7.88 -10.20 -38.09
C ALA A 311 9.28 -9.92 -38.64
N GLU A 312 9.38 -9.74 -39.95
CA GLU A 312 10.65 -9.47 -40.62
C GLU A 312 11.33 -8.20 -40.11
N GLU A 313 10.55 -7.12 -40.04
CA GLU A 313 11.02 -5.83 -39.52
C GLU A 313 11.41 -5.91 -38.04
N LEU A 314 10.57 -6.56 -37.25
CA LEU A 314 10.75 -6.66 -35.80
C LEU A 314 11.97 -7.52 -35.50
N ASP A 315 12.17 -8.55 -36.31
CA ASP A 315 13.33 -9.44 -36.22
C ASP A 315 14.64 -8.68 -36.43
N LYS A 316 14.66 -7.83 -37.45
CA LYS A 316 15.86 -7.07 -37.81
C LYS A 316 16.22 -6.03 -36.75
N VAL A 317 15.19 -5.42 -36.17
CA VAL A 317 15.39 -4.42 -35.11
C VAL A 317 15.91 -5.09 -33.86
N ALA A 318 15.26 -6.19 -33.45
CA ALA A 318 15.66 -6.97 -32.28
C ALA A 318 17.07 -7.52 -32.43
N ARG A 319 17.41 -8.01 -33.62
CA ARG A 319 18.76 -8.49 -33.89
C ARG A 319 19.79 -7.39 -33.69
N LEU A 320 19.51 -6.18 -34.19
CA LEU A 320 20.43 -5.06 -33.99
C LEU A 320 20.42 -4.50 -32.57
N ALA A 321 19.26 -4.56 -31.92
CA ALA A 321 19.17 -4.15 -30.52
C ALA A 321 20.03 -5.08 -29.64
N ALA A 322 19.95 -6.39 -29.90
CA ALA A 322 20.77 -7.38 -29.19
C ALA A 322 22.25 -7.21 -29.48
N LYS A 323 22.61 -7.05 -30.75
CA LYS A 323 23.99 -6.82 -31.18
C LYS A 323 24.63 -5.62 -30.47
N ALA A 324 23.87 -4.53 -30.37
CA ALA A 324 24.30 -3.29 -29.70
C ALA A 324 24.36 -3.42 -28.17
N LEU A 325 23.42 -4.18 -27.60
CA LEU A 325 23.44 -4.51 -26.17
C LEU A 325 24.72 -5.27 -25.82
N ALA A 326 25.08 -6.22 -26.69
CA ALA A 326 26.29 -7.04 -26.56
C ALA A 326 27.57 -6.20 -26.56
N SER A 327 27.54 -5.11 -27.30
CA SER A 327 28.69 -4.20 -27.44
C SER A 327 29.32 -3.81 -26.10
N VAL A 328 28.49 -3.70 -25.06
CA VAL A 328 28.93 -3.13 -23.79
C VAL A 328 29.79 -4.11 -22.99
N SER A 329 29.31 -5.34 -22.83
CA SER A 329 29.92 -6.30 -21.94
C SER A 329 30.22 -7.66 -22.58
N GLY A 330 29.53 -7.96 -23.67
CA GLY A 330 29.59 -9.27 -24.29
C GLY A 330 28.40 -10.14 -23.96
N THR A 331 27.37 -9.53 -23.38
CA THR A 331 26.14 -10.21 -23.00
C THR A 331 25.37 -10.72 -24.22
N GLU A 332 25.14 -12.03 -24.28
CA GLU A 332 24.51 -12.65 -25.44
C GLU A 332 23.01 -12.91 -25.24
N TYR A 333 22.22 -12.36 -26.16
CA TYR A 333 20.76 -12.50 -26.16
C TYR A 333 20.30 -13.32 -27.36
N GLN A 334 19.35 -14.22 -27.12
CA GLN A 334 18.61 -14.88 -28.19
C GLN A 334 17.49 -13.96 -28.67
N VAL A 335 17.18 -14.02 -29.96
CA VAL A 335 16.12 -13.22 -30.57
C VAL A 335 15.10 -14.13 -31.25
N GLY A 336 13.84 -13.71 -31.25
CA GLY A 336 12.78 -14.43 -31.96
C GLY A 336 11.37 -14.16 -31.46
N PRO A 337 10.38 -14.78 -32.10
CA PRO A 337 8.97 -14.65 -31.66
C PRO A 337 8.76 -15.32 -30.30
N THR A 338 7.70 -14.95 -29.58
CA THR A 338 7.47 -15.45 -28.23
C THR A 338 7.12 -16.94 -28.17
N CYS A 339 6.15 -17.36 -28.98
CA CYS A 339 5.62 -18.72 -28.90
C CYS A 339 6.68 -19.81 -29.13
N THR A 340 7.68 -19.47 -29.95
CA THR A 340 8.77 -20.41 -30.23
C THR A 340 9.96 -20.25 -29.27
N THR A 341 10.43 -19.02 -29.08
CA THR A 341 11.57 -18.75 -28.20
C THR A 341 11.32 -19.19 -26.75
N VAL A 342 10.13 -18.91 -26.22
CA VAL A 342 9.76 -19.44 -24.90
C VAL A 342 8.74 -20.57 -25.06
N TYR A 343 7.47 -20.26 -24.91
CA TYR A 343 6.38 -21.22 -25.06
C TYR A 343 5.04 -20.50 -25.28
N PRO A 344 4.12 -21.13 -26.02
CA PRO A 344 2.82 -20.51 -26.32
C PRO A 344 2.19 -19.92 -25.07
N ALA A 345 2.06 -18.59 -25.03
CA ALA A 345 1.52 -17.89 -23.88
C ALA A 345 0.53 -16.80 -24.30
N SER A 346 -0.67 -16.88 -23.74
CA SER A 346 -1.79 -16.01 -24.08
C SER A 346 -1.80 -14.74 -23.24
N GLY A 347 -2.48 -13.70 -23.75
CA GLY A 347 -2.81 -12.51 -22.98
C GLY A 347 -1.66 -11.70 -22.45
N SER A 348 -0.57 -11.63 -23.21
CA SER A 348 0.61 -10.91 -22.77
C SER A 348 0.56 -9.43 -23.16
N SER A 349 1.33 -8.62 -22.46
CA SER A 349 1.35 -7.18 -22.75
C SER A 349 1.64 -6.91 -24.21
N ILE A 350 2.71 -7.52 -24.72
CA ILE A 350 3.23 -7.16 -26.04
C ILE A 350 2.34 -7.60 -27.19
N ASP A 351 1.63 -8.71 -27.00
CA ASP A 351 0.67 -9.18 -28.00
C ASP A 351 -0.53 -8.24 -28.05
N TRP A 352 -1.06 -7.87 -26.89
CA TRP A 352 -2.11 -6.87 -26.81
C TRP A 352 -1.67 -5.58 -27.51
N ALA A 353 -0.43 -5.14 -27.27
CA ALA A 353 0.08 -3.89 -27.83
C ALA A 353 0.13 -3.90 -29.36
N TYR A 354 0.65 -4.99 -29.91
CA TYR A 354 0.71 -5.23 -31.34
C TYR A 354 -0.68 -5.31 -31.97
N ASP A 355 -1.58 -6.04 -31.31
CA ASP A 355 -2.96 -6.21 -31.80
C ASP A 355 -3.76 -4.91 -31.75
N ASN A 356 -3.24 -3.95 -30.99
CA ASN A 356 -3.88 -2.66 -30.85
C ASN A 356 -3.22 -1.54 -31.66
N GLY A 357 -2.39 -1.93 -32.63
CA GLY A 357 -1.84 -1.01 -33.60
C GLY A 357 -0.52 -0.37 -33.20
N ILE A 358 0.11 -0.91 -32.17
CA ILE A 358 1.45 -0.49 -31.76
C ILE A 358 2.43 -1.47 -32.39
N LYS A 359 3.01 -1.07 -33.52
CA LYS A 359 3.87 -1.95 -34.33
C LYS A 359 5.05 -2.55 -33.55
N PHE A 360 5.80 -1.70 -32.86
CA PHE A 360 7.06 -2.12 -32.26
C PHE A 360 6.90 -2.56 -30.80
N ALA A 361 6.37 -3.78 -30.66
CA ALA A 361 6.11 -4.41 -29.37
C ALA A 361 7.18 -5.48 -29.07
N PHE A 362 7.94 -5.26 -27.99
CA PHE A 362 9.09 -6.10 -27.66
C PHE A 362 9.15 -6.49 -26.19
N THR A 363 9.39 -7.78 -25.94
CA THR A 363 9.74 -8.28 -24.61
C THR A 363 11.25 -8.47 -24.42
N PHE A 364 11.81 -7.73 -23.47
CA PHE A 364 13.16 -7.96 -23.00
C PHE A 364 13.05 -8.91 -21.80
N GLU A 365 13.90 -9.95 -21.79
CA GLU A 365 14.11 -10.82 -20.65
C GLU A 365 15.54 -10.60 -20.26
N LEU A 366 15.77 -10.00 -19.11
CA LEU A 366 17.10 -9.50 -18.81
C LEU A 366 17.94 -10.58 -18.11
N ARG A 367 19.13 -10.19 -17.67
CA ARG A 367 20.03 -11.08 -16.93
C ARG A 367 19.30 -11.84 -15.82
N ASP A 368 19.73 -13.07 -15.53
CA ASP A 368 20.82 -13.69 -16.28
C ASP A 368 20.28 -14.85 -17.10
N THR A 369 21.04 -15.95 -17.16
CA THR A 369 20.54 -17.17 -17.83
C THR A 369 20.21 -18.30 -16.85
N GLY A 370 20.41 -18.06 -15.56
CA GLY A 370 20.09 -19.05 -14.56
C GLY A 370 21.04 -19.20 -13.38
N THR A 371 22.20 -18.56 -13.41
CA THR A 371 23.17 -18.67 -12.31
C THR A 371 22.58 -18.11 -11.02
N TYR A 372 21.92 -16.98 -11.12
CA TYR A 372 21.29 -16.36 -9.97
C TYR A 372 19.79 -16.21 -10.16
N GLY A 373 19.32 -16.32 -11.40
CA GLY A 373 17.92 -16.11 -11.75
C GLY A 373 17.34 -14.77 -11.35
N PHE A 374 16.20 -14.82 -10.68
CA PHE A 374 15.51 -13.64 -10.12
C PHE A 374 16.33 -12.95 -9.05
N LEU A 375 17.18 -13.71 -8.38
CA LEU A 375 18.06 -13.19 -7.33
C LEU A 375 19.37 -12.58 -7.87
N LEU A 376 19.28 -11.84 -8.96
CA LEU A 376 20.49 -11.24 -9.54
C LEU A 376 21.21 -10.29 -8.58
N PRO A 377 22.51 -10.51 -8.34
CA PRO A 377 23.26 -9.65 -7.42
C PRO A 377 23.12 -8.18 -7.78
N ALA A 378 23.06 -7.33 -6.76
CA ALA A 378 22.99 -5.88 -6.95
C ALA A 378 24.09 -5.31 -7.86
N ASN A 379 25.30 -5.88 -7.81
CA ASN A 379 26.47 -5.36 -8.56
C ASN A 379 26.34 -5.50 -10.07
N GLN A 380 25.34 -6.25 -10.49
CA GLN A 380 25.04 -6.40 -11.91
C GLN A 380 23.93 -5.47 -12.45
N ILE A 381 23.37 -4.60 -11.62
CA ILE A 381 22.28 -3.71 -12.04
C ILE A 381 22.75 -2.68 -13.06
N ILE A 382 23.82 -1.96 -12.72
CA ILE A 382 24.34 -0.91 -13.58
C ILE A 382 24.88 -1.49 -14.91
N PRO A 383 25.64 -2.60 -14.90
CA PRO A 383 25.95 -3.32 -16.16
C PRO A 383 24.71 -3.76 -16.97
N THR A 384 23.68 -4.35 -16.33
CA THR A 384 22.44 -4.73 -17.05
C THR A 384 21.76 -3.47 -17.61
N ALA A 385 21.66 -2.44 -16.78
CA ALA A 385 21.05 -1.18 -17.18
C ALA A 385 21.79 -0.51 -18.33
N GLU A 386 23.12 -0.41 -18.21
CA GLU A 386 23.93 0.31 -19.19
C GLU A 386 23.93 -0.36 -20.56
N GLU A 387 23.88 -1.71 -20.55
CA GLU A 387 23.85 -2.50 -21.78
C GLU A 387 22.46 -2.55 -22.43
N THR A 388 21.44 -2.68 -21.60
CA THR A 388 20.04 -2.69 -22.01
C THR A 388 19.68 -1.37 -22.64
N TRP A 389 20.30 -0.31 -22.14
CA TRP A 389 20.05 1.04 -22.61
C TRP A 389 20.35 1.20 -24.09
N LEU A 390 21.42 0.53 -24.54
CA LEU A 390 21.77 0.52 -25.96
C LEU A 390 20.78 -0.32 -26.79
N GLY A 391 20.31 -1.42 -26.22
CA GLY A 391 19.19 -2.15 -26.79
C GLY A 391 17.93 -1.29 -26.93
N LEU A 392 17.62 -0.51 -25.89
CA LEU A 392 16.43 0.36 -25.89
C LEU A 392 16.56 1.57 -26.84
N LYS A 393 17.74 2.15 -26.90
CA LYS A 393 17.96 3.32 -27.76
C LYS A 393 17.77 2.93 -29.21
N THR A 394 18.22 1.71 -29.54
CA THR A 394 18.14 1.19 -30.91
C THR A 394 16.70 1.05 -31.36
N ILE A 395 15.87 0.41 -30.53
CA ILE A 395 14.46 0.24 -30.85
C ILE A 395 13.84 1.62 -31.09
N MET A 396 14.12 2.54 -30.17
CA MET A 396 13.51 3.87 -30.17
C MET A 396 14.02 4.77 -31.30
N GLU A 397 15.15 4.40 -31.91
CA GLU A 397 15.65 5.11 -33.07
C GLU A 397 14.97 4.58 -34.31
N HIS A 398 14.65 3.29 -34.31
CA HIS A 398 13.87 2.71 -35.40
C HIS A 398 12.44 3.25 -35.42
N VAL A 399 11.88 3.45 -34.22
CA VAL A 399 10.56 4.02 -34.06
C VAL A 399 10.54 5.46 -34.60
N ARG A 400 11.56 6.22 -34.23
CA ARG A 400 11.71 7.62 -34.64
C ARG A 400 11.78 7.76 -36.15
N ASP A 401 12.49 6.85 -36.78
CA ASP A 401 12.73 6.86 -38.22
C ASP A 401 11.63 6.19 -39.04
N ASN A 402 10.74 5.46 -38.37
CA ASN A 402 9.65 4.77 -39.05
C ASN A 402 8.30 5.15 -38.46
N LEU A 403 8.05 6.45 -38.32
CA LEU A 403 6.78 6.94 -37.77
C LEU A 403 5.64 6.72 -38.77
N TYR A 404 4.55 6.15 -38.26
CA TYR A 404 3.38 5.80 -39.07
C TYR A 404 2.11 6.41 -38.48
N ARG B 1 -15.91 3.51 -6.97
CA ARG B 1 -15.64 4.41 -5.82
C ARG B 1 -16.99 4.79 -5.17
N GLU B 2 -17.20 4.33 -3.94
CA GLU B 2 -18.47 4.46 -3.23
C GLU B 2 -19.04 5.88 -3.23
N LYS B 3 -20.32 5.96 -3.61
CA LYS B 3 -21.10 7.19 -3.64
C LYS B 3 -22.24 7.17 -2.60
N PHE B 4 -22.60 8.37 -2.12
CA PHE B 4 -23.62 8.54 -1.07
C PHE B 4 -24.72 9.53 -1.50
N PHE B 5 -25.16 9.41 -2.75
CA PHE B 5 -26.16 10.29 -3.34
C PHE B 5 -27.49 10.17 -2.62
N GLY B 6 -27.93 11.25 -2.00
CA GLY B 6 -29.21 11.30 -1.31
C GLY B 6 -29.26 10.61 0.05
N ASP B 7 -28.10 10.17 0.54
CA ASP B 7 -27.99 9.48 1.81
C ASP B 7 -28.11 10.48 2.94
N GLN B 8 -28.66 10.01 4.06
CA GLN B 8 -28.89 10.92 5.19
C GLN B 8 -28.41 10.37 6.51
N VAL B 9 -27.92 11.28 7.34
CA VAL B 9 -27.62 10.97 8.73
C VAL B 9 -28.76 11.44 9.62
N LEU B 10 -29.34 10.50 10.35
CA LEU B 10 -30.46 10.79 11.21
C LEU B 10 -30.04 10.64 12.65
N ARG B 11 -30.47 11.59 13.49
CA ARG B 11 -30.16 11.62 14.90
C ARG B 11 -31.39 11.18 15.66
N ILE B 12 -31.26 10.09 16.41
CA ILE B 12 -32.43 9.43 16.97
C ILE B 12 -32.43 9.44 18.49
N ASN B 13 -33.55 9.87 19.07
CA ASN B 13 -33.73 9.86 20.51
C ASN B 13 -34.05 8.46 21.00
N VAL B 14 -33.19 7.96 21.88
CA VAL B 14 -33.38 6.63 22.47
C VAL B 14 -33.44 6.81 23.99
N ARG B 15 -34.63 6.60 24.55
CA ARG B 15 -34.90 6.91 25.95
C ARG B 15 -34.89 5.67 26.86
N ASN B 16 -35.96 4.89 26.81
CA ASN B 16 -36.13 3.72 27.68
C ASN B 16 -35.26 2.51 27.31
N GLY B 17 -35.60 1.35 27.88
CA GLY B 17 -34.85 0.12 27.65
C GLY B 17 -35.11 -0.47 26.27
N ASP B 18 -36.38 -0.47 25.87
CA ASP B 18 -36.83 -1.04 24.61
C ASP B 18 -36.26 -0.32 23.38
N GLU B 19 -36.21 1.01 23.44
CA GLU B 19 -35.79 1.83 22.31
C GLU B 19 -34.33 1.58 21.88
N ILE B 20 -33.48 1.21 22.82
CA ILE B 20 -32.10 0.81 22.52
C ILE B 20 -32.08 -0.47 21.65
N SER B 21 -32.79 -1.49 22.13
CA SER B 21 -32.81 -2.81 21.49
C SER B 21 -33.31 -2.80 20.06
N LYS B 22 -34.53 -2.29 19.85
CA LYS B 22 -35.17 -2.34 18.53
C LYS B 22 -34.48 -1.47 17.46
N LEU B 23 -33.64 -0.54 17.90
CA LEU B 23 -32.84 0.26 16.98
C LEU B 23 -31.56 -0.49 16.60
N SER B 24 -30.79 -0.87 17.61
CA SER B 24 -29.52 -1.57 17.44
C SER B 24 -29.68 -2.91 16.72
N GLN B 25 -30.76 -3.62 17.02
CA GLN B 25 -31.06 -4.90 16.36
C GLN B 25 -31.38 -4.70 14.89
N LEU B 26 -32.18 -3.66 14.59
CA LEU B 26 -32.74 -3.45 13.25
C LEU B 26 -31.72 -3.68 12.12
N VAL B 27 -30.62 -2.93 12.14
CA VAL B 27 -29.53 -3.21 11.20
C VAL B 27 -28.21 -3.59 11.90
N ASN B 28 -28.34 -4.61 12.75
CA ASN B 28 -27.25 -5.51 13.06
C ASN B 28 -27.68 -6.84 12.42
N SER B 29 -28.91 -7.26 12.72
CA SER B 29 -29.65 -8.24 11.92
C SER B 29 -29.99 -7.54 10.60
N ASN B 30 -28.95 -7.28 9.79
CA ASN B 30 -29.02 -6.37 8.65
C ASN B 30 -30.24 -6.49 7.75
N ASN B 31 -30.89 -5.36 7.51
CA ASN B 31 -32.01 -5.27 6.58
C ASN B 31 -31.86 -4.11 5.58
N LEU B 32 -31.44 -2.93 6.08
CA LEU B 32 -31.46 -1.70 5.29
C LEU B 32 -30.09 -1.07 4.98
N LYS B 33 -29.01 -1.81 5.26
CA LYS B 33 -27.62 -1.34 5.08
C LYS B 33 -27.31 -0.01 5.78
N LEU B 34 -27.77 0.10 7.04
CA LEU B 34 -27.51 1.29 7.84
C LEU B 34 -26.09 1.29 8.41
N ASN B 35 -25.51 2.47 8.54
CA ASN B 35 -24.17 2.62 9.14
C ASN B 35 -24.24 3.57 10.34
N PHE B 36 -24.09 2.99 11.53
CA PHE B 36 -24.04 3.76 12.78
C PHE B 36 -22.83 4.67 12.75
N TRP B 37 -23.05 5.97 12.95
CA TRP B 37 -21.98 6.95 13.12
C TRP B 37 -21.71 7.16 14.63
N LYS B 38 -22.78 7.23 15.40
CA LYS B 38 -22.73 7.28 16.87
C LYS B 38 -23.81 6.32 17.37
N SER B 39 -23.41 5.18 17.92
CA SER B 39 -24.34 4.16 18.41
C SER B 39 -24.89 4.47 19.82
N PRO B 40 -25.77 3.60 20.36
CA PRO B 40 -26.31 3.79 21.72
C PRO B 40 -25.29 4.05 22.84
N SER B 41 -25.53 5.14 23.57
CA SER B 41 -24.72 5.51 24.74
C SER B 41 -25.57 5.50 26.03
N SER B 42 -26.62 4.66 26.03
CA SER B 42 -27.66 4.65 27.08
C SER B 42 -28.35 6.02 27.26
N PHE B 43 -28.77 6.33 28.49
CA PHE B 43 -29.50 7.58 28.80
C PHE B 43 -30.56 7.90 27.73
N ASN B 44 -30.73 9.18 27.39
CA ASN B 44 -31.38 9.53 26.12
C ASN B 44 -30.48 10.36 25.19
N ARG B 45 -29.18 10.07 25.26
CA ARG B 45 -28.15 10.64 24.36
C ARG B 45 -28.41 10.23 22.91
N PRO B 46 -28.02 11.07 21.96
CA PRO B 46 -28.38 10.88 20.55
C PRO B 46 -27.62 9.75 19.84
N VAL B 47 -28.36 8.95 19.07
CA VAL B 47 -27.79 7.99 18.13
C VAL B 47 -27.73 8.59 16.72
N ASP B 48 -26.59 8.50 16.06
CA ASP B 48 -26.48 8.92 14.67
C ASP B 48 -26.34 7.71 13.71
N VAL B 49 -27.15 7.70 12.66
CA VAL B 49 -27.06 6.62 11.67
C VAL B 49 -27.15 7.17 10.26
N LEU B 50 -26.26 6.66 9.40
CA LEU B 50 -26.29 6.97 7.97
C LEU B 50 -27.26 6.03 7.31
N VAL B 51 -28.23 6.62 6.61
CA VAL B 51 -29.29 5.86 5.95
C VAL B 51 -29.16 6.08 4.46
N PRO B 52 -28.99 4.99 3.72
CA PRO B 52 -28.83 5.07 2.26
C PRO B 52 -30.11 5.56 1.58
N SER B 53 -29.94 6.16 0.40
CA SER B 53 -31.02 6.77 -0.36
C SER B 53 -32.28 5.89 -0.49
N VAL B 54 -32.10 4.62 -0.86
CA VAL B 54 -33.23 3.70 -1.08
C VAL B 54 -33.92 3.25 0.19
N SER B 55 -33.22 3.38 1.32
CA SER B 55 -33.74 2.93 2.60
C SER B 55 -34.48 4.05 3.34
N LEU B 56 -34.41 5.25 2.80
CA LEU B 56 -34.92 6.44 3.48
C LEU B 56 -36.37 6.28 3.91
N GLN B 57 -37.27 6.20 2.93
CA GLN B 57 -38.70 6.06 3.18
C GLN B 57 -38.99 4.86 4.10
N ALA B 58 -38.37 3.73 3.80
CA ALA B 58 -38.52 2.48 4.57
C ALA B 58 -38.15 2.61 6.05
N PHE B 59 -37.02 3.25 6.32
CA PHE B 59 -36.49 3.38 7.68
C PHE B 59 -37.19 4.46 8.50
N LYS B 60 -37.43 5.61 7.90
CA LYS B 60 -38.16 6.68 8.56
C LYS B 60 -39.52 6.17 9.01
N SER B 61 -40.14 5.36 8.15
CA SER B 61 -41.45 4.75 8.41
C SER B 61 -41.43 3.83 9.64
N PHE B 62 -40.37 3.04 9.74
CA PHE B 62 -40.14 2.17 10.89
C PHE B 62 -39.95 2.99 12.18
N LEU B 63 -39.11 4.02 12.09
CA LEU B 63 -38.88 4.93 13.21
C LEU B 63 -40.20 5.45 13.77
N ARG B 64 -40.97 6.10 12.90
CA ARG B 64 -42.28 6.65 13.27
C ARG B 64 -43.20 5.62 13.92
N SER B 65 -43.28 4.42 13.34
CA SER B 65 -44.16 3.36 13.86
C SER B 65 -43.67 2.79 15.20
N GLN B 66 -42.35 2.63 15.34
CA GLN B 66 -41.78 2.10 16.59
C GLN B 66 -41.70 3.17 17.67
N GLY B 67 -42.04 4.41 17.30
CA GLY B 67 -42.17 5.52 18.23
C GLY B 67 -40.88 6.23 18.61
N LEU B 68 -39.92 6.32 17.68
CA LEU B 68 -38.65 7.03 17.94
C LEU B 68 -38.56 8.34 17.17
N GLU B 69 -38.43 9.45 17.92
CA GLU B 69 -38.29 10.77 17.32
C GLU B 69 -36.90 10.91 16.71
N TYR B 70 -36.84 11.55 15.55
CA TYR B 70 -35.59 11.70 14.82
C TYR B 70 -35.52 13.06 14.12
N ALA B 71 -34.30 13.46 13.79
CA ALA B 71 -34.05 14.61 12.94
C ALA B 71 -33.08 14.23 11.82
N VAL B 72 -33.30 14.72 10.61
CA VAL B 72 -32.28 14.69 9.57
C VAL B 72 -31.25 15.75 9.95
N THR B 73 -30.02 15.31 10.20
CA THR B 73 -28.92 16.22 10.55
C THR B 73 -28.04 16.50 9.35
N ILE B 74 -27.91 15.50 8.47
CA ILE B 74 -27.22 15.67 7.18
C ILE B 74 -28.14 15.29 6.00
N GLU B 75 -28.44 16.29 5.18
CA GLU B 75 -29.46 16.18 4.14
C GLU B 75 -28.97 15.38 2.91
N ASP B 76 -27.73 15.67 2.50
CA ASP B 76 -27.08 14.92 1.43
C ASP B 76 -25.59 14.82 1.70
N LEU B 77 -25.20 13.62 2.13
CA LEU B 77 -23.83 13.29 2.46
C LEU B 77 -22.88 13.60 1.30
N GLN B 78 -23.33 13.33 0.06
CA GLN B 78 -22.50 13.48 -1.13
C GLN B 78 -22.07 14.94 -1.39
N ALA B 79 -22.93 15.88 -1.03
CA ALA B 79 -22.59 17.29 -1.12
C ALA B 79 -21.40 17.60 -0.22
N LEU B 80 -21.46 17.14 1.02
CA LEU B 80 -20.33 17.26 1.95
C LEU B 80 -19.10 16.60 1.36
N LEU B 81 -19.28 15.38 0.84
CA LEU B 81 -18.19 14.64 0.23
C LEU B 81 -17.57 15.38 -0.95
N ASP B 82 -18.42 15.87 -1.87
CA ASP B 82 -17.96 16.61 -3.03
C ASP B 82 -17.22 17.91 -2.66
N ASN B 83 -17.70 18.61 -1.62
CA ASN B 83 -17.02 19.78 -1.09
C ASN B 83 -15.60 19.45 -0.58
N GLU B 84 -15.47 18.26 0.02
CA GLU B 84 -14.22 17.79 0.62
C GLU B 84 -13.20 17.46 -0.48
N ASP B 85 -13.62 16.58 -1.41
CA ASP B 85 -12.83 16.24 -2.59
C ASP B 85 -12.30 17.50 -3.26
N ASP B 86 -13.20 18.46 -3.51
CA ASP B 86 -12.89 19.70 -4.19
C ASP B 86 -11.82 20.51 -3.48
N GLU B 87 -11.98 20.64 -2.17
CA GLU B 87 -11.04 21.38 -1.33
C GLU B 87 -9.70 20.64 -1.25
N MET B 88 -9.76 19.32 -1.10
CA MET B 88 -8.57 18.49 -1.12
C MET B 88 -7.85 18.50 -2.48
N GLN B 89 -8.61 18.51 -3.57
CA GLN B 89 -8.05 18.54 -4.93
C GLN B 89 -7.42 19.88 -5.27
N HIS B 90 -8.06 20.97 -4.84
CA HIS B 90 -7.50 22.29 -5.04
C HIS B 90 -6.16 22.37 -4.32
N ASN B 91 -6.19 22.12 -3.01
CA ASN B 91 -5.03 22.27 -2.15
C ASN B 91 -3.83 21.46 -2.61
N GLU B 92 -4.09 20.26 -3.15
CA GLU B 92 -3.03 19.42 -3.66
C GLU B 92 -2.30 20.08 -4.83
N GLY B 93 -3.06 20.71 -5.72
CA GLY B 93 -2.51 21.46 -6.83
C GLY B 93 -1.71 22.64 -6.34
N GLN B 94 -2.19 23.27 -5.27
CA GLN B 94 -1.49 24.40 -4.65
C GLN B 94 -0.15 24.00 -4.01
N GLU B 95 -0.13 22.84 -3.33
CA GLU B 95 1.10 22.29 -2.74
C GLU B 95 2.06 21.81 -3.83
N ARG B 96 1.50 21.21 -4.87
CA ARG B 96 2.25 20.79 -6.05
C ARG B 96 3.10 21.91 -6.65
N SER B 97 2.64 23.15 -6.48
CA SER B 97 3.32 24.33 -7.05
C SER B 97 4.13 25.14 -6.02
N SER B 98 3.54 25.39 -4.85
CA SER B 98 4.19 26.17 -3.79
C SER B 98 5.19 25.35 -2.98
N ASN B 99 5.11 24.01 -3.11
CA ASN B 99 5.98 23.10 -2.38
C ASN B 99 5.67 23.02 -0.89
N ASN B 100 4.94 24.01 -0.39
CA ASN B 100 4.67 24.10 1.04
C ASN B 100 3.52 23.21 1.44
N PHE B 101 3.62 22.64 2.62
CA PHE B 101 2.65 21.72 3.17
C PHE B 101 1.65 22.54 3.96
N ASN B 102 0.40 22.40 3.58
CA ASN B 102 -0.71 23.11 4.17
C ASN B 102 -1.35 22.24 5.24
N TYR B 103 -1.05 22.55 6.49
CA TYR B 103 -1.62 21.80 7.62
C TYR B 103 -3.12 21.96 7.76
N GLY B 104 -3.70 22.87 6.97
CA GLY B 104 -5.12 23.17 6.99
C GLY B 104 -5.88 22.44 5.90
N ALA B 105 -5.31 21.35 5.40
CA ALA B 105 -5.97 20.42 4.50
C ALA B 105 -5.73 18.99 4.94
N TYR B 106 -6.54 18.09 4.35
CA TYR B 106 -6.37 16.64 4.39
C TYR B 106 -5.37 16.23 3.32
N HIS B 107 -4.62 15.16 3.57
CA HIS B 107 -3.55 14.76 2.67
C HIS B 107 -3.66 13.28 2.45
N SER B 108 -3.16 12.84 1.31
CA SER B 108 -3.01 11.45 0.99
C SER B 108 -1.99 10.88 1.97
N LEU B 109 -2.13 9.58 2.27
CA LEU B 109 -1.14 8.90 3.08
C LEU B 109 0.29 9.13 2.64
N GLU B 110 0.49 9.15 1.32
CA GLU B 110 1.78 9.46 0.75
C GLU B 110 2.30 10.76 1.31
N ALA B 111 1.48 11.82 1.27
CA ALA B 111 1.96 13.16 1.67
C ALA B 111 2.21 13.29 3.17
N ILE B 112 1.38 12.63 3.97
CA ILE B 112 1.62 12.61 5.41
C ILE B 112 3.00 11.98 5.67
N TYR B 113 3.22 10.77 5.17
CA TYR B 113 4.50 10.07 5.34
C TYR B 113 5.67 10.95 4.97
N HIS B 114 5.58 11.60 3.81
CA HIS B 114 6.60 12.58 3.42
C HIS B 114 6.75 13.73 4.39
N GLU B 115 5.64 14.30 4.86
CA GLU B 115 5.79 15.40 5.80
C GLU B 115 6.45 14.91 7.06
N MET B 116 6.16 13.68 7.48
CA MET B 116 6.82 13.13 8.67
C MET B 116 8.34 13.06 8.52
N ASP B 117 8.80 12.79 7.30
CA ASP B 117 10.20 12.67 6.96
C ASP B 117 10.81 14.05 6.88
N ASN B 118 10.02 15.00 6.41
CA ASN B 118 10.41 16.40 6.31
C ASN B 118 10.66 16.98 7.70
N ILE B 119 9.71 16.85 8.63
CA ILE B 119 9.92 17.21 10.05
C ILE B 119 11.25 16.65 10.63
N ALA B 120 11.39 15.32 10.62
CA ALA B 120 12.63 14.64 10.98
C ALA B 120 13.84 15.27 10.30
N ALA B 121 13.78 15.44 8.97
CA ALA B 121 14.89 16.07 8.25
C ALA B 121 15.09 17.55 8.59
N ASP B 122 14.04 18.24 9.03
CA ASP B 122 14.17 19.64 9.44
C ASP B 122 14.77 19.74 10.84
N PHE B 123 14.51 18.74 11.66
CA PHE B 123 14.97 18.74 13.04
C PHE B 123 15.70 17.44 13.38
N PRO B 124 16.87 17.26 12.74
CA PRO B 124 17.54 15.96 12.72
C PRO B 124 18.09 15.55 14.07
N ASP B 125 18.03 16.48 15.03
CA ASP B 125 18.57 16.31 16.37
C ASP B 125 17.44 16.16 17.38
N LEU B 126 16.21 16.19 16.92
CA LEU B 126 15.05 16.10 17.81
C LEU B 126 14.04 15.03 17.41
N ALA B 127 13.86 14.81 16.10
CA ALA B 127 12.84 13.87 15.64
C ALA B 127 13.38 12.83 14.66
N ARG B 128 12.85 11.62 14.76
CA ARG B 128 13.11 10.58 13.74
C ARG B 128 11.85 9.82 13.38
N ARG B 129 11.69 9.53 12.09
CA ARG B 129 10.61 8.68 11.62
C ARG B 129 11.12 7.26 11.76
N VAL B 130 10.44 6.48 12.59
CA VAL B 130 10.83 5.13 12.87
C VAL B 130 9.74 4.24 12.30
N LYS B 131 10.16 3.18 11.63
CA LYS B 131 9.25 2.23 11.11
C LYS B 131 9.09 1.21 12.21
N ILE B 132 7.83 1.00 12.62
CA ILE B 132 7.52 0.11 13.74
C ILE B 132 6.94 -1.22 13.26
N GLY B 133 6.58 -1.29 11.98
CA GLY B 133 6.06 -2.53 11.38
C GLY B 133 5.29 -2.34 10.09
N HIS B 134 4.31 -3.23 9.81
CA HIS B 134 3.59 -3.20 8.54
C HIS B 134 2.10 -3.42 8.67
N SER B 135 1.38 -2.84 7.70
CA SER B 135 -0.05 -2.95 7.62
C SER B 135 -0.38 -4.26 6.96
N PHE B 136 -1.67 -4.62 6.89
CA PHE B 136 -2.08 -5.86 6.23
C PHE B 136 -1.71 -5.87 4.74
N GLU B 137 -1.76 -4.71 4.09
CA GLU B 137 -1.37 -4.59 2.70
C GLU B 137 0.11 -4.29 2.53
N ASN B 138 0.82 -4.27 3.67
CA ASN B 138 2.27 -4.29 3.79
C ASN B 138 2.86 -2.90 3.64
N ARG B 139 2.11 -1.87 3.99
CA ARG B 139 2.61 -0.51 3.97
C ARG B 139 3.40 -0.32 5.25
N PRO B 140 4.38 0.59 5.25
CA PRO B 140 5.16 0.88 6.44
C PRO B 140 4.24 1.44 7.50
N MET B 141 4.47 1.14 8.77
CA MET B 141 3.76 1.86 9.83
C MET B 141 4.83 2.82 10.36
N TYR B 142 4.66 4.12 10.12
CA TYR B 142 5.66 5.11 10.50
C TYR B 142 5.25 5.83 11.79
N VAL B 143 6.22 6.07 12.68
CA VAL B 143 5.98 6.87 13.86
C VAL B 143 7.04 7.93 13.88
N LEU B 144 6.72 9.11 14.39
CA LEU B 144 7.75 10.08 14.74
C LEU B 144 8.07 9.98 16.24
N LYS B 145 9.36 9.86 16.52
CA LYS B 145 9.88 9.78 17.87
C LYS B 145 10.41 11.15 18.18
N PHE B 146 9.90 11.78 19.25
CA PHE B 146 10.48 13.05 19.70
C PHE B 146 11.33 12.87 20.97
N SER B 147 12.60 13.23 20.88
CA SER B 147 13.57 12.92 21.93
C SER B 147 14.69 13.93 22.02
N THR B 148 15.05 14.27 23.27
CA THR B 148 16.25 15.03 23.55
C THR B 148 17.36 14.11 24.13
N GLY B 149 17.01 12.84 24.36
CA GLY B 149 17.89 11.86 24.98
C GLY B 149 19.06 11.31 24.19
N LYS B 150 19.14 11.65 22.91
CA LYS B 150 20.30 11.38 22.05
C LYS B 150 20.67 9.91 21.85
N GLY B 151 19.67 9.04 21.96
CA GLY B 151 19.83 7.60 21.78
C GLY B 151 19.12 6.81 22.87
N VAL B 152 19.14 7.36 24.08
CA VAL B 152 18.69 6.70 25.30
C VAL B 152 17.17 6.50 25.44
N ARG B 153 16.76 5.36 25.97
CA ARG B 153 15.37 5.10 26.30
C ARG B 153 14.92 5.88 27.54
N ARG B 154 14.00 6.80 27.32
CA ARG B 154 13.46 7.65 28.38
C ARG B 154 12.02 7.24 28.67
N PRO B 155 11.48 7.67 29.81
CA PRO B 155 10.03 7.51 30.04
C PRO B 155 9.26 8.14 28.88
N ALA B 156 8.17 7.50 28.46
CA ALA B 156 7.58 7.83 27.16
C ALA B 156 6.07 8.02 27.15
N VAL B 157 5.63 8.91 26.25
CA VAL B 157 4.22 9.13 25.94
C VAL B 157 3.90 8.67 24.51
N TRP B 158 2.93 7.76 24.37
CA TRP B 158 2.46 7.35 23.06
C TRP B 158 1.26 8.19 22.59
N LEU B 159 1.35 8.69 21.35
CA LEU B 159 0.30 9.47 20.71
C LEU B 159 -0.07 8.81 19.38
N ASN B 160 -1.21 8.10 19.34
CA ASN B 160 -1.72 7.59 18.05
C ASN B 160 -3.05 8.18 17.57
N ALA B 161 -3.20 8.19 16.25
CA ALA B 161 -4.33 8.78 15.57
C ALA B 161 -4.70 7.86 14.42
N GLY B 162 -5.92 8.00 13.89
CA GLY B 162 -6.29 7.31 12.66
C GLY B 162 -6.50 5.81 12.81
N ILE B 163 -6.76 5.33 14.01
CA ILE B 163 -7.04 3.89 14.17
C ILE B 163 -8.27 3.57 13.34
N HIS B 164 -9.28 4.43 13.43
CA HIS B 164 -10.48 4.31 12.59
C HIS B 164 -10.30 5.24 11.41
N SER B 165 -10.36 4.68 10.19
CA SER B 165 -9.85 5.42 9.03
C SER B 165 -10.66 6.64 8.60
N ARG B 166 -12.00 6.52 8.59
CA ARG B 166 -12.89 7.68 8.30
C ARG B 166 -12.79 8.89 9.24
N GLU B 167 -12.12 8.72 10.38
CA GLU B 167 -12.00 9.77 11.40
C GLU B 167 -10.87 10.72 11.07
N TRP B 168 -10.91 11.24 9.85
CA TRP B 168 -9.87 12.10 9.25
C TRP B 168 -9.35 13.22 10.12
N ILE B 169 -10.18 13.73 11.03
CA ILE B 169 -9.70 14.83 11.88
C ILE B 169 -8.56 14.38 12.79
N SER B 170 -8.54 13.10 13.14
CA SER B 170 -7.51 12.54 14.02
C SER B 170 -6.15 12.55 13.36
N GLN B 171 -6.08 12.03 12.12
CA GLN B 171 -4.86 12.01 11.30
C GLN B 171 -4.32 13.40 11.07
N ALA B 172 -5.23 14.34 10.78
CA ALA B 172 -4.85 15.72 10.46
C ALA B 172 -4.41 16.49 11.68
N THR B 173 -5.12 16.29 12.78
CA THR B 173 -4.67 16.78 14.08
C THR B 173 -3.27 16.23 14.39
N ALA B 174 -3.09 14.91 14.20
CA ALA B 174 -1.81 14.24 14.49
C ALA B 174 -0.57 14.82 13.78
N ILE B 175 -0.67 15.13 12.49
CA ILE B 175 0.51 15.68 11.79
C ILE B 175 0.79 17.18 12.05
N TRP B 176 -0.27 17.94 12.34
CA TRP B 176 -0.06 19.31 12.78
C TRP B 176 0.68 19.25 14.11
N THR B 177 0.29 18.33 14.99
CA THR B 177 0.95 18.15 16.28
C THR B 177 2.46 17.86 16.18
N ALA B 178 2.83 17.01 15.21
CA ALA B 178 4.26 16.73 14.94
C ALA B 178 5.03 18.01 14.64
N ARG B 179 4.44 18.89 13.84
CA ARG B 179 5.04 20.18 13.48
C ARG B 179 5.03 21.17 14.65
N LYS B 180 4.02 21.05 15.52
CA LYS B 180 3.91 21.95 16.67
C LYS B 180 5.04 21.72 17.66
N ILE B 181 5.26 20.45 17.99
CA ILE B 181 6.28 19.97 18.92
C ILE B 181 7.67 20.51 18.58
N VAL B 182 8.03 20.43 17.30
CA VAL B 182 9.36 20.81 16.81
C VAL B 182 9.55 22.31 16.62
N SER B 183 8.45 23.03 16.43
CA SER B 183 8.48 24.48 16.26
C SER B 183 8.36 25.16 17.62
N ASP B 184 7.98 24.38 18.64
CA ASP B 184 7.72 24.87 19.99
C ASP B 184 8.79 24.46 20.99
N TYR B 185 9.63 23.49 20.61
CA TYR B 185 10.75 23.10 21.44
C TYR B 185 11.74 24.27 21.57
N GLN B 186 12.20 24.50 22.81
CA GLN B 186 13.06 25.64 23.18
C GLN B 186 12.36 27.00 23.23
N ARG B 187 11.15 27.06 22.69
CA ARG B 187 10.39 28.30 22.59
C ARG B 187 9.26 28.32 23.61
N ASP B 188 8.40 27.29 23.55
CA ASP B 188 7.44 27.07 24.61
C ASP B 188 8.11 26.26 25.73
N PRO B 189 8.22 26.84 26.92
CA PRO B 189 8.83 26.16 28.08
C PRO B 189 8.15 24.85 28.50
N ALA B 190 6.84 24.73 28.30
CA ALA B 190 6.08 23.56 28.74
C ALA B 190 6.44 22.27 27.97
N ILE B 191 6.40 22.33 26.64
CA ILE B 191 6.79 21.21 25.79
C ILE B 191 8.31 20.99 25.86
N THR B 192 9.06 22.06 26.10
CA THR B 192 10.51 21.97 26.20
C THR B 192 10.90 21.12 27.40
N SER B 193 10.34 21.45 28.56
CA SER B 193 10.59 20.72 29.80
C SER B 193 10.02 19.29 29.77
N ILE B 194 8.94 19.08 29.03
CA ILE B 194 8.40 17.72 28.84
C ILE B 194 9.41 16.88 28.06
N LEU B 195 9.90 17.43 26.96
CA LEU B 195 10.81 16.73 26.06
C LEU B 195 12.17 16.46 26.71
N GLU B 196 12.51 17.33 27.66
CA GLU B 196 13.71 17.22 28.48
C GLU B 196 13.82 15.92 29.25
N LYS B 197 12.68 15.42 29.71
CA LYS B 197 12.62 14.27 30.60
C LYS B 197 11.95 13.07 29.94
N MET B 198 11.17 13.34 28.89
CA MET B 198 10.37 12.31 28.25
C MET B 198 10.55 12.28 26.75
N ASP B 199 10.30 11.10 26.18
CA ASP B 199 10.17 10.88 24.74
C ASP B 199 8.67 10.88 24.43
N ILE B 200 8.29 11.45 23.28
CA ILE B 200 6.93 11.27 22.78
C ILE B 200 6.98 10.52 21.45
N PHE B 201 6.09 9.54 21.27
CA PHE B 201 5.97 8.79 20.02
C PHE B 201 4.64 9.09 19.40
N LEU B 202 4.63 9.46 18.12
CA LEU B 202 3.38 9.81 17.44
C LEU B 202 3.14 9.00 16.19
N LEU B 203 2.03 8.28 16.20
CA LEU B 203 1.61 7.50 15.06
C LEU B 203 0.41 8.21 14.40
N PRO B 204 0.66 9.12 13.45
CA PRO B 204 -0.41 9.86 12.75
C PRO B 204 -1.49 8.98 12.09
N VAL B 205 -1.07 7.88 11.46
CA VAL B 205 -1.99 7.00 10.75
C VAL B 205 -1.84 5.59 11.26
N ALA B 206 -2.48 5.30 12.40
CA ALA B 206 -2.51 3.94 12.94
C ALA B 206 -3.15 2.91 12.03
N ASN B 207 -3.94 3.32 11.04
CA ASN B 207 -4.66 2.36 10.16
C ASN B 207 -4.54 2.73 8.66
N PRO B 208 -3.32 2.58 8.08
CA PRO B 208 -2.98 3.11 6.74
C PRO B 208 -3.72 2.49 5.56
N ASP B 209 -4.05 1.21 5.61
CA ASP B 209 -4.76 0.59 4.50
C ASP B 209 -6.13 1.20 4.37
N GLY B 210 -6.85 1.30 5.51
CA GLY B 210 -8.19 1.90 5.58
C GLY B 210 -8.14 3.37 5.18
N TYR B 211 -7.10 4.08 5.62
CA TYR B 211 -6.97 5.46 5.25
C TYR B 211 -6.95 5.66 3.73
N VAL B 212 -5.95 5.08 3.06
CA VAL B 212 -5.94 5.01 1.59
C VAL B 212 -7.31 4.51 1.04
N TYR B 213 -7.83 3.42 1.55
CA TYR B 213 -9.19 2.99 1.16
C TYR B 213 -10.24 4.12 1.32
N THR B 214 -10.26 4.86 2.44
CA THR B 214 -11.20 5.99 2.55
C THR B 214 -11.03 7.02 1.44
N GLN B 215 -9.83 7.10 0.87
CA GLN B 215 -9.57 8.15 -0.12
C GLN B 215 -9.72 7.70 -1.56
N THR B 216 -9.79 6.38 -1.78
CA THR B 216 -9.86 5.83 -3.13
C THR B 216 -11.12 5.02 -3.35
N GLN B 217 -11.73 4.55 -2.28
CA GLN B 217 -12.84 3.62 -2.50
C GLN B 217 -14.12 3.87 -1.68
N ASN B 218 -13.97 4.08 -0.38
CA ASN B 218 -15.12 4.19 0.50
C ASN B 218 -14.74 5.18 1.58
N ARG B 219 -15.20 6.43 1.47
CA ARG B 219 -14.87 7.49 2.44
C ARG B 219 -15.26 7.18 3.89
N LEU B 220 -16.24 6.31 4.09
CA LEU B 220 -16.76 5.99 5.41
C LEU B 220 -16.27 4.66 5.99
N TRP B 221 -15.20 4.11 5.42
CA TRP B 221 -14.65 2.87 5.93
C TRP B 221 -13.97 3.16 7.27
N ARG B 222 -14.10 2.27 8.24
CA ARG B 222 -13.46 2.50 9.55
C ARG B 222 -12.48 1.41 10.01
N LYS B 223 -12.67 0.19 9.50
CA LYS B 223 -11.91 -0.99 9.94
C LYS B 223 -10.56 -1.15 9.26
N THR B 224 -9.86 -2.25 9.58
CA THR B 224 -8.68 -2.66 8.80
C THR B 224 -9.12 -3.15 7.40
N ARG B 225 -8.16 -3.60 6.60
CA ARG B 225 -8.48 -4.25 5.32
C ARG B 225 -8.03 -5.69 5.26
N SER B 226 -7.91 -6.27 6.45
CA SER B 226 -7.50 -7.65 6.64
C SER B 226 -8.60 -8.62 6.17
N ARG B 227 -8.18 -9.76 5.63
CA ARG B 227 -9.10 -10.69 5.05
C ARG B 227 -9.51 -11.76 6.02
N ASN B 228 -10.77 -12.18 5.87
CA ASN B 228 -11.48 -12.93 6.87
C ASN B 228 -11.74 -14.31 6.30
N PRO B 229 -10.97 -15.29 6.77
CA PRO B 229 -10.94 -16.64 6.20
C PRO B 229 -12.28 -17.13 5.63
N GLY B 230 -13.25 -17.49 6.45
CA GLY B 230 -14.49 -18.08 5.96
C GLY B 230 -15.50 -17.08 5.44
N SER B 231 -15.05 -15.84 5.23
CA SER B 231 -15.94 -14.71 4.98
C SER B 231 -15.60 -13.93 3.70
N SER B 232 -16.63 -13.44 3.02
CA SER B 232 -16.45 -12.44 1.97
C SER B 232 -16.15 -11.08 2.58
N CYS B 233 -16.50 -10.90 3.85
CA CYS B 233 -16.31 -9.60 4.54
C CYS B 233 -14.85 -9.29 4.90
N ILE B 234 -14.57 -7.99 5.02
CA ILE B 234 -13.22 -7.49 5.13
C ILE B 234 -13.03 -6.69 6.42
N GLY B 235 -11.90 -6.89 7.08
CA GLY B 235 -11.49 -6.00 8.14
C GLY B 235 -12.02 -6.36 9.51
N ALA B 236 -11.29 -5.89 10.51
CA ALA B 236 -11.67 -5.98 11.91
C ALA B 236 -11.65 -4.57 12.45
N ASP B 237 -12.39 -4.33 13.52
CA ASP B 237 -12.36 -3.05 14.22
C ASP B 237 -11.06 -3.02 15.01
N PRO B 238 -10.12 -2.15 14.62
CA PRO B 238 -8.82 -2.10 15.30
C PRO B 238 -8.93 -1.84 16.80
N ASN B 239 -9.88 -0.98 17.20
CA ASN B 239 -10.11 -0.64 18.61
C ASN B 239 -11.02 -1.62 19.36
N ARG B 240 -11.16 -2.84 18.82
CA ARG B 240 -11.81 -3.96 19.50
C ARG B 240 -10.85 -5.15 19.52
N ASN B 241 -9.67 -4.93 18.93
CA ASN B 241 -8.68 -5.98 18.67
C ASN B 241 -7.59 -6.12 19.74
N TRP B 242 -7.55 -5.18 20.67
CA TRP B 242 -6.54 -5.15 21.72
C TRP B 242 -6.78 -6.22 22.77
N ASN B 243 -5.72 -6.54 23.50
CA ASN B 243 -5.70 -7.63 24.48
C ASN B 243 -6.15 -7.15 25.87
N ALA B 244 -7.39 -6.64 25.94
CA ALA B 244 -8.02 -6.24 27.21
C ALA B 244 -9.48 -6.68 27.18
N SER B 245 -9.75 -7.79 27.88
CA SER B 245 -11.04 -8.48 27.81
C SER B 245 -11.48 -8.63 26.35
N PHE B 246 -10.63 -9.24 25.54
CA PHE B 246 -10.91 -9.45 24.13
C PHE B 246 -12.17 -10.31 23.94
N ALA B 247 -13.04 -9.88 23.02
CA ALA B 247 -14.30 -10.58 22.70
C ALA B 247 -15.33 -10.62 23.83
N GLY B 248 -15.36 -9.56 24.65
CA GLY B 248 -16.38 -9.41 25.67
C GLY B 248 -17.45 -8.43 25.20
N LYS B 249 -17.84 -7.52 26.09
CA LYS B 249 -18.87 -6.50 25.82
C LYS B 249 -18.53 -5.57 24.65
N GLY B 250 -19.53 -5.25 23.82
CA GLY B 250 -19.45 -4.20 22.82
C GLY B 250 -18.69 -4.50 21.52
N ALA B 251 -18.47 -5.79 21.26
CA ALA B 251 -17.79 -6.23 20.04
C ALA B 251 -18.52 -7.42 19.43
N SER B 252 -18.34 -7.63 18.14
CA SER B 252 -19.01 -8.73 17.45
C SER B 252 -18.05 -9.83 16.99
N ASP B 253 -18.55 -11.06 17.05
CA ASP B 253 -17.86 -12.24 16.54
C ASP B 253 -18.13 -12.42 15.04
N ASN B 254 -18.98 -11.56 14.50
CA ASN B 254 -19.35 -11.61 13.10
C ASN B 254 -18.40 -10.77 12.24
N PRO B 255 -17.62 -11.43 11.36
CA PRO B 255 -16.65 -10.75 10.49
C PRO B 255 -17.23 -9.55 9.73
N CYS B 256 -18.53 -9.59 9.42
CA CYS B 256 -19.21 -8.52 8.67
C CYS B 256 -19.55 -7.29 9.51
N SER B 257 -19.40 -7.41 10.83
CA SER B 257 -19.75 -6.30 11.72
C SER B 257 -18.73 -5.19 11.65
N GLU B 258 -19.21 -3.96 11.86
CA GLU B 258 -18.34 -2.79 11.93
C GLU B 258 -17.52 -2.76 13.22
N VAL B 259 -17.91 -3.58 14.20
CA VAL B 259 -17.18 -3.69 15.46
C VAL B 259 -16.62 -5.11 15.70
N TYR B 260 -16.40 -5.86 14.63
CA TYR B 260 -15.77 -7.18 14.65
C TYR B 260 -14.40 -7.19 15.35
N HIS B 261 -14.22 -8.11 16.30
CA HIS B 261 -13.01 -8.11 17.14
C HIS B 261 -11.75 -8.75 16.49
N GLY B 262 -11.95 -9.50 15.42
CA GLY B 262 -10.91 -10.30 14.83
C GLY B 262 -11.01 -11.72 15.32
N PRO B 263 -10.23 -12.62 14.75
CA PRO B 263 -10.26 -14.03 15.18
C PRO B 263 -9.57 -14.24 16.53
N HIS B 264 -8.70 -13.32 16.93
CA HIS B 264 -8.03 -13.35 18.23
C HIS B 264 -7.44 -11.97 18.53
N ALA B 265 -7.04 -11.74 19.78
CA ALA B 265 -6.46 -10.44 20.17
C ALA B 265 -5.12 -10.17 19.49
N ASN B 266 -4.85 -8.89 19.21
CA ASN B 266 -3.73 -8.45 18.38
C ASN B 266 -3.59 -9.18 17.03
N SER B 267 -4.71 -9.67 16.49
CA SER B 267 -4.74 -10.37 15.19
C SER B 267 -4.40 -9.45 14.02
N GLU B 268 -4.58 -8.13 14.24
CA GLU B 268 -4.34 -7.09 13.24
C GLU B 268 -2.93 -6.50 13.40
N VAL B 269 -2.13 -6.64 12.35
CA VAL B 269 -0.71 -6.41 12.43
C VAL B 269 -0.43 -4.96 12.77
N GLU B 270 -1.42 -4.10 12.49
CA GLU B 270 -1.37 -2.69 12.84
C GLU B 270 -1.32 -2.51 14.38
N VAL B 271 -2.13 -3.32 15.07
CA VAL B 271 -2.25 -3.32 16.53
C VAL B 271 -1.09 -4.11 17.15
N LYS B 272 -0.82 -5.29 16.61
CA LYS B 272 0.36 -6.06 16.98
C LYS B 272 1.59 -5.15 17.01
N SER B 273 1.85 -4.47 15.89
CA SER B 273 2.92 -3.49 15.77
C SER B 273 3.05 -2.57 16.98
N VAL B 274 1.95 -1.96 17.37
CA VAL B 274 1.97 -1.01 18.49
C VAL B 274 2.21 -1.73 19.82
N VAL B 275 1.47 -2.81 20.03
CA VAL B 275 1.66 -3.64 21.21
C VAL B 275 3.13 -4.04 21.35
N ASP B 276 3.74 -4.51 20.26
CA ASP B 276 5.11 -4.99 20.27
C ASP B 276 6.11 -3.86 20.49
N PHE B 277 5.85 -2.69 19.91
CA PHE B 277 6.78 -1.58 20.14
C PHE B 277 6.79 -1.14 21.61
N ILE B 278 5.61 -1.02 22.20
CA ILE B 278 5.42 -0.45 23.51
C ILE B 278 6.00 -1.39 24.56
N GLN B 279 5.70 -2.68 24.42
CA GLN B 279 6.18 -3.70 25.34
C GLN B 279 7.69 -3.90 25.29
N LYS B 280 8.28 -3.75 24.11
CA LYS B 280 9.71 -3.89 23.94
C LYS B 280 10.44 -2.75 24.65
N HIS B 281 10.09 -1.51 24.28
CA HIS B 281 10.51 -0.29 24.96
C HIS B 281 10.27 -0.39 26.48
N GLY B 282 9.05 -0.77 26.87
CA GLY B 282 8.71 -1.12 28.24
C GLY B 282 8.69 0.01 29.27
N ASN B 283 8.89 1.24 28.82
CA ASN B 283 8.89 2.38 29.71
C ASN B 283 7.89 3.46 29.30
N PHE B 284 6.73 3.02 28.81
CA PHE B 284 5.67 3.97 28.50
C PHE B 284 4.88 4.39 29.75
N LYS B 285 4.81 5.70 29.93
CA LYS B 285 4.11 6.32 31.04
C LYS B 285 2.74 6.85 30.65
N GLY B 286 2.58 7.26 29.38
CA GLY B 286 1.31 7.73 28.84
C GLY B 286 0.94 7.17 27.46
N PHE B 287 -0.36 7.14 27.20
CA PHE B 287 -0.96 6.59 25.97
C PHE B 287 -2.24 7.36 25.69
N ILE B 288 -2.28 8.09 24.58
CA ILE B 288 -3.44 8.91 24.23
C ILE B 288 -3.90 8.61 22.80
N ASP B 289 -5.16 8.20 22.69
CA ASP B 289 -5.75 7.87 21.40
C ASP B 289 -6.67 8.98 20.91
N LEU B 290 -6.45 9.42 19.67
CA LEU B 290 -7.25 10.44 19.00
C LEU B 290 -8.26 9.80 18.03
N HIS B 291 -9.53 10.10 18.24
CA HIS B 291 -10.62 9.59 17.45
C HIS B 291 -11.48 10.78 17.03
N SER B 292 -12.64 10.50 16.43
CA SER B 292 -13.74 11.44 16.23
C SER B 292 -15.02 10.63 16.00
N TYR B 293 -16.19 11.25 16.14
CA TYR B 293 -16.37 12.60 16.66
C TYR B 293 -17.16 12.52 17.95
N SER B 294 -17.33 13.65 18.63
CA SER B 294 -18.30 13.83 19.72
C SER B 294 -17.81 14.79 20.81
N GLN B 295 -16.53 15.14 20.74
CA GLN B 295 -15.90 16.00 21.75
C GLN B 295 -15.97 15.37 23.14
N LEU B 296 -15.27 14.25 23.24
CA LEU B 296 -15.19 13.48 24.48
C LEU B 296 -13.73 13.32 24.93
N LEU B 297 -13.54 13.26 26.23
CA LEU B 297 -12.24 13.00 26.83
C LEU B 297 -12.44 11.90 27.87
N MET B 298 -11.98 10.71 27.53
CA MET B 298 -12.29 9.51 28.31
C MET B 298 -11.07 8.76 28.82
N TYR B 299 -11.32 7.84 29.76
CA TYR B 299 -10.31 7.00 30.40
C TYR B 299 -10.88 5.62 30.76
N PRO B 300 -10.03 4.66 31.17
CA PRO B 300 -10.49 3.32 31.59
C PRO B 300 -11.47 3.36 32.76
N TYR B 301 -12.42 2.42 32.85
CA TYR B 301 -12.52 1.26 31.96
C TYR B 301 -13.66 1.33 30.95
N GLY B 302 -13.44 0.72 29.79
CA GLY B 302 -14.47 0.58 28.78
C GLY B 302 -15.05 -0.82 28.67
N TYR B 303 -14.23 -1.84 28.92
CA TYR B 303 -14.68 -3.22 28.73
C TYR B 303 -15.64 -3.73 29.79
N SER B 304 -15.64 -3.08 30.95
CA SER B 304 -16.52 -3.42 32.05
C SER B 304 -16.84 -2.18 32.87
N VAL B 305 -17.99 -2.20 33.54
CA VAL B 305 -18.43 -1.10 34.39
C VAL B 305 -17.58 -0.98 35.65
N LYS B 306 -16.73 -1.98 35.87
CA LYS B 306 -15.81 -1.98 37.00
C LYS B 306 -14.89 -0.75 36.96
N LYS B 307 -14.73 -0.13 38.12
CA LYS B 307 -14.01 1.13 38.25
C LYS B 307 -12.52 0.88 38.35
N ALA B 308 -11.76 1.62 37.54
CA ALA B 308 -10.30 1.57 37.58
C ALA B 308 -9.79 2.16 38.90
N PRO B 309 -8.83 1.48 39.55
CA PRO B 309 -8.18 2.00 40.77
C PRO B 309 -7.75 3.46 40.70
N ASP B 310 -7.33 3.93 39.52
CA ASP B 310 -6.84 5.29 39.35
C ASP B 310 -7.85 6.30 38.83
N ALA B 311 -9.14 5.97 38.92
CA ALA B 311 -10.21 6.82 38.34
C ALA B 311 -10.24 8.28 38.80
N GLU B 312 -9.94 8.52 40.08
CA GLU B 312 -9.95 9.86 40.68
C GLU B 312 -8.90 10.80 40.08
N GLU B 313 -7.65 10.33 40.02
CA GLU B 313 -6.57 11.08 39.38
C GLU B 313 -6.83 11.28 37.88
N LEU B 314 -7.26 10.24 37.19
CA LEU B 314 -7.49 10.33 35.74
C LEU B 314 -8.64 11.27 35.40
N ASP B 315 -9.62 11.36 36.29
CA ASP B 315 -10.77 12.25 36.08
C ASP B 315 -10.41 13.72 36.34
N LYS B 316 -9.44 13.93 37.23
CA LYS B 316 -8.96 15.27 37.56
C LYS B 316 -8.12 15.82 36.41
N VAL B 317 -7.15 15.02 35.97
CA VAL B 317 -6.30 15.33 34.82
C VAL B 317 -7.16 15.62 33.57
N ALA B 318 -8.04 14.68 33.23
CA ALA B 318 -8.92 14.80 32.08
C ALA B 318 -9.70 16.11 32.15
N ARG B 319 -10.26 16.37 33.33
CA ARG B 319 -11.03 17.58 33.62
C ARG B 319 -10.27 18.89 33.35
N LEU B 320 -9.02 18.97 33.81
CA LEU B 320 -8.20 20.15 33.58
C LEU B 320 -7.74 20.30 32.12
N ALA B 321 -7.60 19.17 31.44
CA ALA B 321 -7.29 19.16 30.02
C ALA B 321 -8.49 19.63 29.20
N ALA B 322 -9.70 19.21 29.60
CA ALA B 322 -10.92 19.69 28.96
C ALA B 322 -11.06 21.22 29.13
N LYS B 323 -10.86 21.69 30.36
CA LYS B 323 -10.80 23.11 30.70
C LYS B 323 -9.77 23.88 29.87
N ALA B 324 -8.57 23.32 29.75
CA ALA B 324 -7.49 23.97 29.02
C ALA B 324 -7.83 24.05 27.53
N LEU B 325 -8.34 22.94 27.01
CA LEU B 325 -8.82 22.86 25.62
C LEU B 325 -9.89 23.91 25.31
N ALA B 326 -10.87 24.00 26.19
CA ALA B 326 -12.00 24.92 26.07
C ALA B 326 -11.57 26.37 25.98
N SER B 327 -10.40 26.70 26.52
CA SER B 327 -9.95 28.07 26.63
C SER B 327 -9.59 28.76 25.30
N VAL B 328 -9.32 27.97 24.27
CA VAL B 328 -8.87 28.52 22.98
C VAL B 328 -10.03 29.10 22.17
N SER B 329 -11.06 28.30 21.92
CA SER B 329 -12.22 28.73 21.15
C SER B 329 -13.56 28.48 21.85
N GLY B 330 -13.50 27.96 23.07
CA GLY B 330 -14.69 27.66 23.84
C GLY B 330 -15.37 26.36 23.49
N THR B 331 -14.59 25.39 23.00
CA THR B 331 -15.13 24.07 22.66
C THR B 331 -15.32 23.26 23.93
N GLU B 332 -16.48 22.64 24.06
CA GLU B 332 -16.83 21.98 25.31
C GLU B 332 -16.74 20.46 25.21
N TYR B 333 -16.03 19.88 26.18
CA TYR B 333 -15.83 18.44 26.23
C TYR B 333 -16.54 17.82 27.41
N GLN B 334 -17.23 16.73 27.13
CA GLN B 334 -17.72 15.84 28.17
C GLN B 334 -16.51 15.02 28.63
N VAL B 335 -16.46 14.72 29.92
CA VAL B 335 -15.34 13.99 30.53
C VAL B 335 -15.81 12.91 31.50
N GLY B 336 -15.31 11.70 31.29
CA GLY B 336 -15.60 10.55 32.14
C GLY B 336 -14.98 9.24 31.67
N PRO B 337 -15.29 8.14 32.35
CA PRO B 337 -14.80 6.81 31.93
C PRO B 337 -15.57 6.28 30.74
N THR B 338 -14.91 5.46 29.91
CA THR B 338 -15.52 4.93 28.69
C THR B 338 -16.88 4.24 28.91
N CYS B 339 -16.97 3.39 29.93
CA CYS B 339 -18.21 2.62 30.16
C CYS B 339 -19.47 3.48 30.37
N THR B 340 -19.36 4.52 31.20
CA THR B 340 -20.50 5.42 31.43
C THR B 340 -20.69 6.40 30.27
N THR B 341 -19.58 7.01 29.84
CA THR B 341 -19.62 8.09 28.84
C THR B 341 -20.01 7.60 27.45
N VAL B 342 -19.12 6.86 26.78
CA VAL B 342 -19.43 6.32 25.46
C VAL B 342 -20.36 5.08 25.60
N TYR B 343 -19.81 3.87 25.50
CA TYR B 343 -20.56 2.64 25.78
C TYR B 343 -19.59 1.47 25.98
N PRO B 344 -19.92 0.56 26.91
CA PRO B 344 -19.07 -0.60 27.21
C PRO B 344 -18.54 -1.30 25.95
N ALA B 345 -17.24 -1.17 25.73
CA ALA B 345 -16.55 -1.74 24.59
C ALA B 345 -15.21 -2.35 24.99
N SER B 346 -15.08 -3.67 24.75
CA SER B 346 -13.87 -4.43 25.05
C SER B 346 -12.81 -4.34 23.97
N GLY B 347 -11.56 -4.66 24.33
CA GLY B 347 -10.46 -4.73 23.39
C GLY B 347 -10.01 -3.39 22.85
N SER B 348 -10.21 -2.33 23.63
CA SER B 348 -9.86 -0.99 23.20
C SER B 348 -8.45 -0.65 23.64
N SER B 349 -7.81 0.28 22.92
CA SER B 349 -6.38 0.57 23.09
C SER B 349 -6.01 1.02 24.51
N ILE B 350 -6.78 1.96 25.04
CA ILE B 350 -6.50 2.58 26.34
C ILE B 350 -6.74 1.64 27.51
N ASP B 351 -7.70 0.73 27.36
CA ASP B 351 -7.94 -0.34 28.33
C ASP B 351 -6.77 -1.32 28.33
N TRP B 352 -6.27 -1.67 27.14
CA TRP B 352 -5.04 -2.46 27.00
C TRP B 352 -3.87 -1.74 27.65
N ALA B 353 -3.80 -0.43 27.45
CA ALA B 353 -2.67 0.38 27.91
C ALA B 353 -2.60 0.43 29.44
N TYR B 354 -3.71 0.79 30.07
CA TYR B 354 -3.86 0.86 31.51
C TYR B 354 -3.57 -0.49 32.18
N ASP B 355 -4.09 -1.58 31.60
CA ASP B 355 -3.83 -2.95 32.06
C ASP B 355 -2.37 -3.39 31.90
N ASN B 356 -1.66 -2.78 30.95
CA ASN B 356 -0.25 -3.05 30.75
C ASN B 356 0.69 -2.05 31.41
N GLY B 357 0.21 -1.45 32.51
CA GLY B 357 1.01 -0.59 33.36
C GLY B 357 1.20 0.85 32.93
N ILE B 358 0.39 1.32 32.00
CA ILE B 358 0.46 2.71 31.55
C ILE B 358 -0.69 3.48 32.18
N LYS B 359 -0.40 4.15 33.30
CA LYS B 359 -1.42 4.79 34.11
C LYS B 359 -2.28 5.79 33.32
N PHE B 360 -1.62 6.68 32.58
CA PHE B 360 -2.28 7.82 31.96
C PHE B 360 -2.78 7.52 30.54
N ALA B 361 -3.80 6.66 30.50
CA ALA B 361 -4.43 6.23 29.27
C ALA B 361 -5.65 7.10 29.05
N PHE B 362 -5.70 7.72 27.87
CA PHE B 362 -6.75 8.65 27.51
C PHE B 362 -7.19 8.52 26.05
N THR B 363 -8.49 8.72 25.85
CA THR B 363 -9.09 8.81 24.51
C THR B 363 -9.58 10.23 24.31
N PHE B 364 -9.30 10.78 23.13
CA PHE B 364 -9.87 12.06 22.70
C PHE B 364 -10.80 11.76 21.54
N GLU B 365 -12.09 12.02 21.73
CA GLU B 365 -13.05 12.07 20.64
C GLU B 365 -13.13 13.53 20.22
N LEU B 366 -12.62 13.84 19.03
CA LEU B 366 -12.48 15.23 18.59
C LEU B 366 -13.77 15.80 17.99
N ARG B 367 -13.64 16.99 17.37
CA ARG B 367 -14.74 17.64 16.68
C ARG B 367 -15.36 16.74 15.61
N ASP B 368 -16.66 16.89 15.37
CA ASP B 368 -17.50 17.83 16.11
C ASP B 368 -18.52 17.04 16.93
N THR B 369 -19.73 17.57 17.09
CA THR B 369 -20.75 16.91 17.92
C THR B 369 -21.83 16.27 17.07
N GLY B 370 -21.78 16.49 15.76
CA GLY B 370 -22.66 15.84 14.81
C GLY B 370 -23.04 16.68 13.62
N THR B 371 -22.66 17.95 13.57
CA THR B 371 -23.00 18.80 12.42
C THR B 371 -22.42 18.25 11.12
N TYR B 372 -21.18 17.79 11.15
CA TYR B 372 -20.53 17.25 9.96
C TYR B 372 -20.06 15.84 10.23
N GLY B 373 -19.92 15.50 11.51
CA GLY B 373 -19.44 14.20 11.95
C GLY B 373 -18.03 13.95 11.45
N PHE B 374 -17.84 12.80 10.81
CA PHE B 374 -16.58 12.41 10.18
C PHE B 374 -16.13 13.31 9.04
N LEU B 375 -17.09 13.93 8.36
CA LEU B 375 -16.75 14.81 7.24
C LEU B 375 -16.52 16.23 7.73
N LEU B 376 -15.58 16.39 8.64
CA LEU B 376 -15.27 17.70 9.22
C LEU B 376 -14.60 18.63 8.19
N PRO B 377 -15.19 19.81 7.95
CA PRO B 377 -14.61 20.78 7.01
C PRO B 377 -13.14 21.01 7.28
N ALA B 378 -12.36 21.04 6.21
CA ALA B 378 -10.95 21.36 6.31
C ALA B 378 -10.67 22.55 7.24
N ASN B 379 -11.47 23.62 7.15
CA ASN B 379 -11.12 24.90 7.80
C ASN B 379 -11.17 24.83 9.32
N GLN B 380 -11.66 23.70 9.81
CA GLN B 380 -11.59 23.39 11.23
C GLN B 380 -10.35 22.61 11.70
N ILE B 381 -9.50 22.13 10.80
CA ILE B 381 -8.38 21.26 11.25
C ILE B 381 -7.45 21.97 12.24
N ILE B 382 -7.01 23.17 11.87
CA ILE B 382 -6.10 23.92 12.72
C ILE B 382 -6.73 24.33 14.07
N PRO B 383 -7.97 24.82 14.12
CA PRO B 383 -8.56 25.13 15.44
C PRO B 383 -8.79 23.88 16.28
N THR B 384 -9.25 22.79 15.67
CA THR B 384 -9.31 21.51 16.40
C THR B 384 -7.92 21.14 16.92
N ALA B 385 -6.92 21.26 16.06
CA ALA B 385 -5.52 20.97 16.43
C ALA B 385 -5.01 21.81 17.58
N GLU B 386 -5.21 23.11 17.47
CA GLU B 386 -4.66 24.09 18.42
C GLU B 386 -5.28 23.96 19.79
N GLU B 387 -6.60 23.79 19.83
CA GLU B 387 -7.30 23.54 21.08
C GLU B 387 -6.89 22.19 21.69
N THR B 388 -6.82 21.16 20.86
CA THR B 388 -6.36 19.82 21.26
C THR B 388 -4.98 19.90 21.88
N TRP B 389 -4.10 20.70 21.26
CA TRP B 389 -2.72 20.83 21.70
C TRP B 389 -2.58 21.22 23.17
N LEU B 390 -3.41 22.15 23.61
CA LEU B 390 -3.51 22.51 25.03
C LEU B 390 -3.97 21.36 25.91
N GLY B 391 -4.95 20.58 25.45
CA GLY B 391 -5.38 19.39 26.18
C GLY B 391 -4.25 18.38 26.30
N LEU B 392 -3.56 18.14 25.17
CA LEU B 392 -2.44 17.20 25.12
C LEU B 392 -1.31 17.59 26.08
N LYS B 393 -0.87 18.85 25.99
CA LYS B 393 0.21 19.34 26.80
C LYS B 393 -0.11 19.19 28.28
N THR B 394 -1.39 19.34 28.61
CA THR B 394 -1.83 19.28 30.01
C THR B 394 -1.73 17.86 30.57
N ILE B 395 -2.18 16.86 29.80
CA ILE B 395 -2.02 15.47 30.20
C ILE B 395 -0.53 15.16 30.30
N MET B 396 0.24 15.66 29.33
CA MET B 396 1.66 15.34 29.25
C MET B 396 2.45 16.03 30.36
N GLU B 397 1.97 17.19 30.81
CA GLU B 397 2.61 17.88 31.92
C GLU B 397 2.39 17.13 33.22
N HIS B 398 1.16 16.67 33.46
CA HIS B 398 0.91 15.82 34.61
C HIS B 398 1.84 14.61 34.62
N VAL B 399 2.03 14.00 33.45
CA VAL B 399 2.89 12.84 33.31
C VAL B 399 4.36 13.18 33.64
N ARG B 400 4.81 14.34 33.19
CA ARG B 400 6.17 14.80 33.49
C ARG B 400 6.40 14.93 35.01
N ASP B 401 5.39 15.46 35.71
CA ASP B 401 5.47 15.73 37.13
C ASP B 401 5.08 14.53 38.00
N ASN B 402 4.44 13.53 37.41
CA ASN B 402 3.92 12.38 38.16
C ASN B 402 4.45 11.03 37.68
N LEU B 403 5.76 10.97 37.45
CA LEU B 403 6.44 9.78 36.94
C LEU B 403 6.58 8.70 38.02
N TYR B 404 6.67 7.43 37.61
CA TYR B 404 6.84 6.31 38.54
C TYR B 404 7.99 5.35 38.22
#